data_3OUU
#
_entry.id   3OUU
#
_cell.length_a   89.830
_cell.length_b   100.170
_cell.length_c   148.701
_cell.angle_alpha   90.00
_cell.angle_beta   90.00
_cell.angle_gamma   90.00
#
_symmetry.space_group_name_H-M   'P 21 21 21'
#
loop_
_entity.id
_entity.type
_entity.pdbx_description
1 polymer 'Biotin carboxylase'
2 non-polymer GLYCEROL
3 non-polymer 'CALCIUM ION'
4 non-polymer 'PHOSPHOAMINOPHOSPHONIC ACID-ADENYLATE ESTER'
5 non-polymer 'CACODYLATE ION'
6 non-polymer 'FORMIC ACID'
7 water water
#
_entity_poly.entity_id   1
_entity_poly.type   'polypeptide(L)'
_entity_poly.pdbx_seq_one_letter_code
;SNA(MSE)EIKSILIANRGEIALRALRTIKE(MSE)GKKAICVYSEADKDALYLKYADASICIGKARSSESYLNIPAIIA
AAEIAEADAIFPGYGFLSENQNFVEICAKHNIKFIGPSVEA(MSE)NL(MSE)SDKSKAKQV(MSE)QRAGVPVIPGSDG
ALAGAEAAKKLAKEIGYPVILKAAAGGGGRG(MSE)RVVENEKDLEKAYWSAESEA(MSE)TAFGDGT(MSE)Y(MSE)E
KYIQNPRHIEVQVIGDSFGNVIHVGERDCS(MSE)QRRHQKLIEESPAILLDEKTRTRLHETAIKAAKAIGYEGAGTFEF
LVDKNLDFYFIE(MSE)NTRLQVEHCVSE(MSE)VSGIDIIEQ(MSE)IKVAEGYALPSQESIKLNGHSIECRITAEDSK
TFLPSPGKITKYIPPAGRNVR(MSE)ESHCYQDYSVPAYYDS(MSE)IGKLVVWAEDRNKAIAK(MSE)KVALDELLISG
IKTTKDFHLS(MSE)(MSE)ENPDFINNNYDTNYLARH
;
_entity_poly.pdbx_strand_id   A,B
#
# COMPACT_ATOMS: atom_id res chain seq x y z
N SER A 1 -23.02 13.14 -19.58
CA SER A 1 -22.47 12.70 -18.30
C SER A 1 -22.69 11.20 -18.07
N ASN A 2 -23.86 10.73 -18.48
CA ASN A 2 -24.15 9.30 -18.52
C ASN A 2 -24.04 8.87 -19.97
N ALA A 3 -24.26 9.84 -20.86
CA ALA A 3 -23.93 9.72 -22.27
C ALA A 3 -22.43 9.94 -22.47
N GLU A 5 -20.29 8.73 -20.37
CA GLU A 5 -19.67 7.59 -19.71
C GLU A 5 -18.68 6.86 -20.60
N ILE A 6 -17.50 6.63 -20.05
CA ILE A 6 -16.42 6.01 -20.79
C ILE A 6 -16.44 4.53 -20.46
N LYS A 7 -16.51 3.70 -21.48
CA LYS A 7 -16.57 2.26 -21.27
C LYS A 7 -15.21 1.59 -21.49
N SER A 8 -14.36 2.26 -22.25
CA SER A 8 -13.16 1.63 -22.75
C SER A 8 -12.07 2.66 -22.96
N ILE A 9 -10.90 2.42 -22.41
CA ILE A 9 -9.82 3.39 -22.45
C ILE A 9 -8.54 2.76 -23.02
N LEU A 10 -7.96 3.43 -24.01
CA LEU A 10 -6.69 3.00 -24.54
C LEU A 10 -5.60 3.81 -23.85
N ILE A 11 -4.60 3.11 -23.33
N ILE A 11 -4.60 3.11 -23.34
CA ILE A 11 -3.46 3.75 -22.67
CA ILE A 11 -3.47 3.76 -22.67
C ILE A 11 -2.38 3.92 -23.73
C ILE A 11 -2.37 3.93 -23.72
N ALA A 12 -2.20 5.15 -24.22
CA ALA A 12 -1.19 5.39 -25.24
C ALA A 12 0.12 5.70 -24.55
N ASN A 13 0.73 4.68 -23.94
CA ASN A 13 1.96 4.89 -23.19
C ASN A 13 2.57 3.55 -22.86
N ARG A 14 3.59 3.53 -22.03
CA ARG A 14 4.36 2.32 -21.79
C ARG A 14 4.93 2.37 -20.40
N GLY A 15 5.56 1.29 -19.94
CA GLY A 15 6.27 1.31 -18.67
C GLY A 15 5.36 1.44 -17.46
N GLU A 16 5.89 2.01 -16.39
N GLU A 16 5.88 1.94 -16.33
CA GLU A 16 5.21 1.98 -15.10
CA GLU A 16 5.08 1.89 -15.11
C GLU A 16 3.89 2.72 -15.14
C GLU A 16 3.78 2.65 -15.24
N ILE A 17 3.80 3.77 -15.96
CA ILE A 17 2.58 4.56 -16.06
C ILE A 17 1.45 3.77 -16.80
N ALA A 18 1.82 2.90 -17.73
CA ALA A 18 0.79 2.08 -18.37
C ALA A 18 0.18 1.12 -17.31
N LEU A 19 1.03 0.57 -16.46
CA LEU A 19 0.56 -0.34 -15.42
C LEU A 19 -0.30 0.40 -14.39
N ARG A 20 0.21 1.53 -13.87
CA ARG A 20 -0.53 2.40 -12.95
C ARG A 20 -1.91 2.81 -13.51
N ALA A 21 -1.96 3.23 -14.77
CA ALA A 21 -3.27 3.57 -15.38
C ALA A 21 -4.16 2.34 -15.52
N LEU A 22 -3.58 1.24 -15.99
CA LEU A 22 -4.34 0.01 -16.13
C LEU A 22 -5.11 -0.40 -14.86
N ARG A 23 -4.44 -0.36 -13.71
CA ARG A 23 -5.08 -0.73 -12.42
C ARG A 23 -6.31 0.09 -12.07
N THR A 24 -6.18 1.40 -12.18
CA THR A 24 -7.32 2.27 -11.91
C THR A 24 -8.47 2.05 -12.91
N ILE A 25 -8.12 1.94 -14.19
CA ILE A 25 -9.13 1.70 -15.19
C ILE A 25 -9.91 0.41 -14.91
N LYS A 26 -9.21 -0.64 -14.48
CA LYS A 26 -9.91 -1.89 -14.30
C LYS A 26 -10.66 -1.91 -12.99
N GLU A 27 -10.14 -1.28 -11.95
CA GLU A 27 -10.94 -1.15 -10.74
C GLU A 27 -12.25 -0.36 -10.96
N GLY A 29 -14.06 -0.73 -13.53
CA GLY A 29 -14.91 -1.56 -14.38
C GLY A 29 -14.90 -1.20 -15.86
N LYS A 30 -13.99 -0.32 -16.28
CA LYS A 30 -13.85 0.01 -17.69
C LYS A 30 -12.82 -0.93 -18.29
N LYS A 31 -12.84 -1.11 -19.61
CA LYS A 31 -11.84 -1.89 -20.33
C LYS A 31 -10.54 -1.10 -20.51
N ALA A 32 -9.43 -1.70 -20.13
CA ALA A 32 -8.11 -1.15 -20.38
C ALA A 32 -7.49 -1.76 -21.63
N ILE A 33 -7.22 -0.92 -22.63
N ILE A 33 -7.21 -0.92 -22.63
CA ILE A 33 -6.57 -1.34 -23.89
CA ILE A 33 -6.56 -1.37 -23.86
C ILE A 33 -5.14 -0.86 -23.93
C ILE A 33 -5.14 -0.87 -23.93
N CYS A 34 -4.19 -1.78 -24.00
CA CYS A 34 -2.78 -1.39 -24.11
C CYS A 34 -2.20 -1.40 -25.51
N VAL A 35 -1.09 -0.70 -25.70
CA VAL A 35 -0.42 -0.72 -26.99
C VAL A 35 1.04 -0.96 -26.72
N TYR A 36 1.73 -1.51 -27.70
CA TYR A 36 3.14 -1.79 -27.50
C TYR A 36 3.88 -1.84 -28.80
N SER A 37 5.12 -1.43 -28.75
CA SER A 37 6.00 -1.60 -29.88
C SER A 37 6.57 -2.99 -29.73
N GLU A 38 7.31 -3.44 -30.73
CA GLU A 38 7.83 -4.80 -30.73
C GLU A 38 8.88 -5.04 -29.65
N ALA A 39 9.58 -3.98 -29.25
CA ALA A 39 10.57 -4.08 -28.17
C ALA A 39 9.91 -4.22 -26.80
N ASP A 40 8.61 -3.90 -26.72
CA ASP A 40 7.90 -3.98 -25.46
C ASP A 40 6.95 -5.16 -25.36
N LYS A 41 7.11 -6.17 -26.23
CA LYS A 41 6.22 -7.32 -26.17
C LYS A 41 6.26 -8.03 -24.82
N ASP A 42 7.39 -7.95 -24.14
N ASP A 42 7.39 -7.97 -24.13
CA ASP A 42 7.55 -8.56 -22.82
CA ASP A 42 7.49 -8.60 -22.81
C ASP A 42 7.00 -7.73 -21.65
C ASP A 42 7.04 -7.70 -21.65
N ALA A 43 6.38 -6.59 -21.95
CA ALA A 43 5.88 -5.69 -20.89
C ALA A 43 4.79 -6.36 -19.99
N LEU A 44 4.93 -6.24 -18.67
CA LEU A 44 4.06 -6.95 -17.73
C LEU A 44 2.54 -6.62 -17.86
N TYR A 45 2.23 -5.36 -18.12
CA TYR A 45 0.85 -4.91 -18.20
C TYR A 45 0.12 -5.48 -19.41
N LEU A 46 0.83 -5.97 -20.41
CA LEU A 46 0.16 -6.60 -21.56
C LEU A 46 -0.56 -7.88 -21.14
N LYS A 47 -0.09 -8.52 -20.08
CA LYS A 47 -0.80 -9.68 -19.54
C LYS A 47 -2.08 -9.31 -18.76
N TYR A 48 -2.14 -8.08 -18.25
CA TYR A 48 -3.32 -7.66 -17.48
C TYR A 48 -4.35 -6.90 -18.31
N ALA A 49 -4.00 -6.53 -19.53
CA ALA A 49 -4.88 -5.70 -20.36
C ALA A 49 -6.09 -6.49 -20.86
N ASP A 50 -7.18 -5.79 -21.19
CA ASP A 50 -8.31 -6.47 -21.84
C ASP A 50 -8.01 -6.79 -23.31
N ALA A 51 -7.18 -5.97 -23.94
CA ALA A 51 -6.69 -6.21 -25.28
C ALA A 51 -5.37 -5.47 -25.45
N SER A 52 -4.51 -5.98 -26.32
CA SER A 52 -3.25 -5.30 -26.61
C SER A 52 -2.97 -5.25 -28.10
N ILE A 53 -2.72 -4.05 -28.59
CA ILE A 53 -2.43 -3.81 -30.00
C ILE A 53 -0.94 -3.53 -30.18
N CYS A 54 -0.27 -4.31 -31.03
CA CYS A 54 1.05 -3.91 -31.48
C CYS A 54 0.94 -2.74 -32.46
N ILE A 55 1.70 -1.68 -32.22
CA ILE A 55 1.51 -0.46 -32.96
C ILE A 55 2.69 -0.14 -33.85
N GLY A 56 3.73 -0.98 -33.82
CA GLY A 56 4.84 -0.75 -34.73
C GLY A 56 6.20 -1.20 -34.29
N LYS A 57 7.19 -0.80 -35.09
CA LYS A 57 8.60 -1.08 -34.87
C LYS A 57 9.11 -0.43 -33.61
N ALA A 58 9.81 -1.23 -32.82
CA ALA A 58 10.30 -0.81 -31.53
C ALA A 58 11.30 0.33 -31.62
N ARG A 59 12.48 0.01 -32.19
CA ARG A 59 13.64 0.89 -32.20
C ARG A 59 13.19 2.33 -32.06
N SER A 60 12.44 2.80 -33.05
CA SER A 60 11.89 4.13 -32.96
C SER A 60 10.83 4.17 -31.88
N SER A 61 11.14 4.92 -30.82
CA SER A 61 10.11 5.31 -29.86
C SER A 61 9.04 6.02 -30.67
N GLU A 62 9.32 6.21 -31.96
CA GLU A 62 8.37 6.75 -32.90
C GLU A 62 7.00 6.07 -32.87
N SER A 63 6.95 4.74 -32.81
CA SER A 63 5.69 3.99 -32.78
C SER A 63 4.69 4.50 -31.71
N TYR A 64 5.16 4.74 -30.50
CA TYR A 64 4.35 5.43 -29.50
C TYR A 64 4.05 6.89 -29.90
N LEU A 65 4.82 7.46 -30.81
CA LEU A 65 4.59 8.83 -31.29
C LEU A 65 3.88 8.87 -32.64
N ASN A 66 3.46 7.70 -33.10
CA ASN A 66 2.79 7.55 -34.36
C ASN A 66 1.28 7.66 -34.18
N ILE A 67 0.74 8.83 -34.53
CA ILE A 67 -0.64 9.18 -34.25
C ILE A 67 -1.61 8.29 -35.03
N PRO A 68 -1.40 8.17 -36.35
CA PRO A 68 -2.26 7.23 -37.08
C PRO A 68 -2.32 5.84 -36.45
N ALA A 69 -1.17 5.24 -36.11
CA ALA A 69 -1.18 3.91 -35.47
C ALA A 69 -1.97 3.88 -34.15
N ILE A 70 -1.81 4.93 -33.35
CA ILE A 70 -2.53 5.01 -32.06
C ILE A 70 -4.05 5.12 -32.28
N ILE A 71 -4.46 6.05 -33.15
N ILE A 71 -4.47 6.04 -33.15
CA ILE A 71 -5.88 6.20 -33.48
CA ILE A 71 -5.90 6.18 -33.45
C ILE A 71 -6.46 4.92 -34.08
C ILE A 71 -6.46 4.90 -34.06
N ALA A 72 -5.72 4.28 -34.97
CA ALA A 72 -6.16 3.01 -35.56
C ALA A 72 -6.32 1.94 -34.48
N ALA A 73 -5.40 1.91 -33.53
CA ALA A 73 -5.51 0.98 -32.39
C ALA A 73 -6.76 1.23 -31.56
N ALA A 74 -7.01 2.50 -31.24
CA ALA A 74 -8.20 2.89 -30.49
C ALA A 74 -9.46 2.44 -31.24
N GLU A 75 -9.47 2.63 -32.55
CA GLU A 75 -10.67 2.30 -33.32
C GLU A 75 -10.86 0.80 -33.52
N ILE A 76 -9.78 0.06 -33.78
CA ILE A 76 -9.94 -1.39 -33.85
C ILE A 76 -10.39 -1.98 -32.51
N ALA A 77 -9.95 -1.38 -31.40
CA ALA A 77 -10.31 -1.91 -30.08
C ALA A 77 -11.63 -1.34 -29.58
N GLU A 78 -12.17 -0.36 -30.28
CA GLU A 78 -13.42 0.25 -29.87
C GLU A 78 -13.28 0.99 -28.55
N ALA A 79 -12.13 1.66 -28.38
CA ALA A 79 -11.90 2.50 -27.23
C ALA A 79 -12.59 3.85 -27.44
N ASP A 80 -13.28 4.35 -26.41
CA ASP A 80 -13.94 5.65 -26.53
C ASP A 80 -13.17 6.80 -25.91
N ALA A 81 -12.07 6.45 -25.25
CA ALA A 81 -11.21 7.44 -24.66
C ALA A 81 -9.77 6.94 -24.69
N ILE A 82 -8.84 7.89 -24.66
CA ILE A 82 -7.42 7.62 -24.66
C ILE A 82 -6.79 8.32 -23.46
N PHE A 83 -6.11 7.55 -22.61
CA PHE A 83 -5.33 8.08 -21.51
C PHE A 83 -3.88 8.19 -21.97
N PRO A 84 -3.32 9.40 -21.96
CA PRO A 84 -2.00 9.63 -22.57
C PRO A 84 -0.79 9.52 -21.62
N GLY A 85 -1.02 9.44 -20.31
CA GLY A 85 0.08 9.48 -19.34
C GLY A 85 0.95 10.74 -19.41
N TYR A 86 2.26 10.55 -19.26
CA TYR A 86 3.20 11.67 -19.42
C TYR A 86 4.22 11.29 -20.46
N GLY A 87 4.87 12.30 -21.03
CA GLY A 87 5.73 12.06 -22.17
C GLY A 87 4.89 11.76 -23.38
N PHE A 88 5.54 11.31 -24.44
CA PHE A 88 4.86 10.92 -25.67
C PHE A 88 3.85 11.95 -26.17
N LEU A 89 2.60 11.57 -26.39
CA LEU A 89 1.58 12.47 -26.96
C LEU A 89 0.81 13.30 -25.88
N SER A 90 1.20 13.17 -24.62
CA SER A 90 0.43 13.78 -23.55
C SER A 90 0.28 15.29 -23.72
N GLU A 91 1.20 15.89 -24.46
CA GLU A 91 1.17 17.34 -24.68
C GLU A 91 1.23 17.72 -26.17
N ASN A 92 0.76 16.80 -27.01
CA ASN A 92 0.71 17.04 -28.44
C ASN A 92 -0.68 17.56 -28.89
N GLN A 93 -0.73 18.85 -29.20
CA GLN A 93 -2.00 19.53 -29.46
C GLN A 93 -2.69 18.96 -30.67
N ASN A 94 -1.89 18.55 -31.64
CA ASN A 94 -2.43 17.95 -32.85
C ASN A 94 -3.07 16.58 -32.60
N PHE A 95 -2.44 15.79 -31.74
CA PHE A 95 -3.04 14.52 -31.34
C PHE A 95 -4.37 14.77 -30.60
N VAL A 96 -4.41 15.79 -29.76
CA VAL A 96 -5.64 16.09 -29.05
C VAL A 96 -6.79 16.40 -30.02
N GLU A 97 -6.52 17.23 -31.03
CA GLU A 97 -7.55 17.61 -31.98
C GLU A 97 -7.96 16.43 -32.82
N ILE A 98 -6.99 15.59 -33.18
CA ILE A 98 -7.29 14.41 -33.95
C ILE A 98 -8.23 13.47 -33.18
N CYS A 99 -8.06 13.37 -31.86
CA CYS A 99 -8.91 12.52 -31.03
C CYS A 99 -10.35 12.98 -31.10
N ALA A 100 -10.55 14.28 -30.92
CA ALA A 100 -11.88 14.88 -31.03
C ALA A 100 -12.45 14.66 -32.43
N LYS A 101 -11.62 14.69 -33.46
CA LYS A 101 -12.11 14.42 -34.82
C LYS A 101 -12.68 13.00 -34.99
N HIS A 102 -12.11 12.03 -34.28
CA HIS A 102 -12.55 10.64 -34.38
C HIS A 102 -13.54 10.26 -33.28
N ASN A 103 -14.06 11.27 -32.57
CA ASN A 103 -14.97 11.01 -31.44
C ASN A 103 -14.39 10.14 -30.33
N ILE A 104 -13.16 10.46 -29.95
CA ILE A 104 -12.49 9.79 -28.85
C ILE A 104 -12.20 10.85 -27.82
N LYS A 105 -12.59 10.60 -26.56
CA LYS A 105 -12.31 11.54 -25.50
C LYS A 105 -10.83 11.47 -25.07
N PHE A 106 -10.13 12.60 -25.22
CA PHE A 106 -8.78 12.75 -24.70
C PHE A 106 -8.86 13.07 -23.21
N ILE A 107 -8.31 12.19 -22.38
CA ILE A 107 -8.33 12.42 -20.95
C ILE A 107 -7.23 13.40 -20.55
N GLY A 108 -7.60 14.67 -20.45
CA GLY A 108 -6.66 15.75 -20.21
C GLY A 108 -7.38 17.03 -20.58
N PRO A 109 -6.68 18.17 -20.49
CA PRO A 109 -7.21 19.52 -20.74
C PRO A 109 -7.54 19.78 -22.21
N SER A 110 -8.27 20.87 -22.44
CA SER A 110 -8.62 21.28 -23.79
C SER A 110 -7.37 21.75 -24.54
N VAL A 111 -7.49 21.79 -25.85
CA VAL A 111 -6.41 22.27 -26.70
C VAL A 111 -6.13 23.76 -26.42
N GLU A 112 -7.17 24.52 -26.09
CA GLU A 112 -7.00 25.93 -25.77
C GLU A 112 -6.08 26.19 -24.57
N ALA A 113 -6.36 25.53 -23.46
CA ALA A 113 -5.63 25.75 -22.21
C ALA A 113 -4.22 25.22 -22.33
N ASN A 115 -2.62 25.07 -25.17
CA ASN A 115 -1.93 25.99 -26.06
C ASN A 115 -1.48 27.26 -25.35
N LEU A 116 -2.29 27.73 -24.40
CA LEU A 116 -1.94 28.92 -23.64
C LEU A 116 -0.68 28.71 -22.81
N SER A 118 1.78 26.30 -23.33
CA SER A 118 2.82 25.55 -24.06
C SER A 118 4.11 26.34 -24.40
N ASP A 119 4.00 27.62 -24.68
CA ASP A 119 5.22 28.39 -24.88
C ASP A 119 5.48 28.90 -23.49
N LYS A 120 6.61 28.53 -22.90
CA LYS A 120 6.89 28.93 -21.51
C LYS A 120 6.98 30.46 -21.31
N SER A 121 7.41 31.17 -22.33
N SER A 121 7.41 31.19 -22.34
CA SER A 121 7.54 32.61 -22.26
CA SER A 121 7.55 32.64 -22.22
C SER A 121 6.16 33.25 -22.20
C SER A 121 6.19 33.33 -22.28
N LYS A 122 5.29 32.82 -23.10
CA LYS A 122 3.93 33.33 -23.17
C LYS A 122 3.12 32.95 -21.92
N ALA A 123 3.34 31.74 -21.41
CA ALA A 123 2.70 31.29 -20.16
C ALA A 123 2.96 32.24 -18.99
N LYS A 124 4.19 32.70 -18.84
CA LYS A 124 4.51 33.65 -17.80
C LYS A 124 3.65 34.90 -17.98
N GLN A 125 3.36 35.27 -19.23
CA GLN A 125 2.58 36.48 -19.46
C GLN A 125 1.13 36.25 -19.05
N VAL A 126 0.61 35.08 -19.36
CA VAL A 126 -0.72 34.71 -18.93
C VAL A 126 -0.81 34.70 -17.41
N GLN A 128 0.95 36.49 -15.26
CA GLN A 128 0.98 37.86 -14.77
C GLN A 128 -0.36 38.55 -14.83
N ARG A 129 -1.07 38.35 -15.93
CA ARG A 129 -2.39 38.94 -16.10
C ARG A 129 -3.36 38.32 -15.10
N ALA A 130 -3.06 37.11 -14.64
CA ALA A 130 -3.91 36.44 -13.66
C ALA A 130 -3.52 36.84 -12.22
N GLY A 131 -2.53 37.74 -12.12
CA GLY A 131 -2.05 38.19 -10.82
C GLY A 131 -1.23 37.13 -10.11
N VAL A 132 -0.52 36.29 -10.87
CA VAL A 132 0.37 35.30 -10.28
C VAL A 132 1.82 35.76 -10.35
N PRO A 133 2.54 35.73 -9.22
CA PRO A 133 3.95 36.16 -9.24
C PRO A 133 4.83 35.28 -10.15
N VAL A 134 5.70 35.95 -10.89
CA VAL A 134 6.60 35.30 -11.83
C VAL A 134 7.97 35.90 -11.61
N ILE A 135 9.00 35.29 -12.19
CA ILE A 135 10.35 35.78 -11.95
C ILE A 135 10.58 36.90 -12.92
N PRO A 136 11.13 38.04 -12.43
CA PRO A 136 11.55 39.14 -13.31
C PRO A 136 12.42 38.61 -14.48
N GLY A 137 12.16 39.13 -15.67
CA GLY A 137 12.85 38.63 -16.84
C GLY A 137 12.38 39.31 -18.10
N SER A 138 12.52 38.62 -19.22
CA SER A 138 12.14 39.22 -20.47
C SER A 138 10.61 39.26 -20.54
N ASP A 139 10.07 40.20 -21.28
CA ASP A 139 8.63 40.28 -21.46
C ASP A 139 8.26 39.57 -22.75
N GLY A 140 8.01 38.28 -22.67
CA GLY A 140 7.94 37.42 -23.84
C GLY A 140 9.32 36.98 -24.30
N ALA A 141 9.41 36.52 -25.53
CA ALA A 141 10.66 36.04 -26.08
C ALA A 141 11.66 37.20 -26.29
N LEU A 142 12.95 36.91 -26.14
CA LEU A 142 14.00 37.84 -26.52
C LEU A 142 14.04 37.95 -28.03
N ALA A 143 14.31 39.17 -28.53
CA ALA A 143 14.49 39.37 -29.96
C ALA A 143 15.75 38.68 -30.46
N GLY A 144 16.77 38.62 -29.61
CA GLY A 144 18.00 37.94 -29.93
C GLY A 144 19.11 38.22 -28.93
N ALA A 145 20.33 37.91 -29.33
CA ALA A 145 21.50 38.01 -28.49
C ALA A 145 21.79 39.41 -27.91
N GLU A 146 21.56 40.44 -28.71
CA GLU A 146 21.75 41.82 -28.26
C GLU A 146 20.68 42.24 -27.25
N ALA A 147 19.43 41.88 -27.50
CA ALA A 147 18.36 42.19 -26.56
C ALA A 147 18.66 41.49 -25.24
N ALA A 148 19.27 40.31 -25.29
CA ALA A 148 19.63 39.60 -24.07
C ALA A 148 20.65 40.40 -23.22
N LYS A 149 21.72 40.84 -23.88
CA LYS A 149 22.75 41.70 -23.29
C LYS A 149 22.18 42.91 -22.56
N LYS A 150 21.38 43.69 -23.27
CA LYS A 150 20.74 44.86 -22.67
C LYS A 150 19.90 44.48 -21.45
N LEU A 151 19.06 43.47 -21.62
CA LEU A 151 18.17 43.02 -20.55
C LEU A 151 18.91 42.43 -19.35
N ALA A 152 19.98 41.67 -19.57
CA ALA A 152 20.66 41.08 -18.42
C ALA A 152 21.20 42.16 -17.47
N LYS A 153 21.65 43.27 -18.04
CA LYS A 153 22.14 44.42 -17.24
C LYS A 153 21.03 45.07 -16.44
N GLU A 154 19.89 45.30 -17.08
CA GLU A 154 18.74 45.83 -16.36
C GLU A 154 18.44 44.93 -15.16
N ILE A 155 17.94 43.71 -15.40
CA ILE A 155 17.57 42.81 -14.30
C ILE A 155 18.72 42.29 -13.44
N GLY A 156 19.96 42.44 -13.91
CA GLY A 156 21.13 42.06 -13.11
C GLY A 156 21.52 40.59 -13.12
N TYR A 157 22.81 40.29 -13.11
CA TYR A 157 23.31 38.90 -13.13
C TYR A 157 23.22 38.29 -11.74
N PRO A 158 23.21 36.94 -11.65
CA PRO A 158 23.24 36.01 -12.79
C PRO A 158 21.86 35.88 -13.44
N VAL A 159 21.82 35.51 -14.72
CA VAL A 159 20.53 35.24 -15.38
C VAL A 159 20.48 33.82 -15.87
N ILE A 160 19.29 33.36 -16.23
CA ILE A 160 19.22 32.08 -16.90
C ILE A 160 18.48 32.23 -18.23
N LEU A 161 19.05 31.70 -19.30
CA LEU A 161 18.41 31.65 -20.62
C LEU A 161 17.62 30.37 -20.74
N LYS A 162 16.40 30.46 -21.26
CA LYS A 162 15.48 29.34 -21.25
C LYS A 162 14.78 29.24 -22.61
N ALA A 163 14.62 28.03 -23.11
CA ALA A 163 13.98 27.85 -24.41
C ALA A 163 12.50 27.80 -24.15
N ALA A 164 11.75 28.65 -24.87
CA ALA A 164 10.28 28.74 -24.69
C ALA A 164 9.62 27.39 -24.92
N ALA A 165 10.19 26.61 -25.82
CA ALA A 165 9.67 25.30 -26.17
C ALA A 165 10.43 24.19 -25.48
N GLY A 166 11.20 24.55 -24.46
CA GLY A 166 12.09 23.62 -23.78
C GLY A 166 11.42 22.60 -22.87
N GLY A 167 12.17 21.57 -22.51
CA GLY A 167 11.71 20.55 -21.58
C GLY A 167 12.87 19.60 -21.30
N GLY A 168 12.67 18.69 -20.35
CA GLY A 168 13.70 17.72 -20.00
C GLY A 168 14.94 18.37 -19.41
N GLY A 169 14.98 19.70 -19.40
CA GLY A 169 16.15 20.40 -18.89
C GLY A 169 17.09 20.83 -20.00
N ARG A 170 16.66 20.65 -21.24
CA ARG A 170 17.46 21.01 -22.40
C ARG A 170 17.13 22.44 -22.85
N GLY A 171 18.13 23.11 -23.43
CA GLY A 171 17.92 24.45 -23.97
C GLY A 171 17.97 25.57 -22.93
N ARG A 173 20.64 27.71 -20.11
CA ARG A 173 22.03 28.01 -19.70
C ARG A 173 21.98 29.10 -18.66
N VAL A 174 22.64 28.84 -17.55
CA VAL A 174 22.87 29.86 -16.54
C VAL A 174 23.97 30.80 -17.01
N VAL A 175 23.72 32.09 -16.97
CA VAL A 175 24.75 33.06 -17.33
C VAL A 175 25.12 33.99 -16.17
N GLU A 176 26.36 33.88 -15.72
CA GLU A 176 26.86 34.63 -14.56
C GLU A 176 27.48 35.97 -14.91
N ASN A 177 27.94 36.13 -16.14
CA ASN A 177 28.62 37.36 -16.49
C ASN A 177 28.41 37.65 -17.96
N GLU A 178 28.50 38.93 -18.35
CA GLU A 178 28.22 39.32 -19.72
C GLU A 178 29.19 38.66 -20.70
N LYS A 179 30.43 38.47 -20.30
CA LYS A 179 31.40 37.88 -21.19
C LYS A 179 30.96 36.51 -21.74
N ASP A 180 30.22 35.73 -20.94
CA ASP A 180 29.75 34.41 -21.30
C ASP A 180 28.41 34.41 -22.05
N LEU A 181 27.77 35.56 -22.16
CA LEU A 181 26.36 35.61 -22.54
C LEU A 181 26.11 35.12 -23.95
N GLU A 182 26.86 35.67 -24.89
CA GLU A 182 26.57 35.41 -26.30
C GLU A 182 26.78 33.93 -26.68
N LYS A 183 27.85 33.36 -26.15
CA LYS A 183 28.15 31.98 -26.44
C LYS A 183 27.05 31.10 -25.84
N ALA A 184 26.58 31.47 -24.64
CA ALA A 184 25.54 30.72 -23.96
C ALA A 184 24.20 30.81 -24.71
N TYR A 185 23.91 31.99 -25.24
CA TYR A 185 22.67 32.19 -25.97
C TYR A 185 22.61 31.28 -27.20
N TRP A 186 23.68 31.25 -27.98
CA TRP A 186 23.75 30.41 -29.16
C TRP A 186 23.82 28.91 -28.87
N SER A 187 24.55 28.54 -27.83
CA SER A 187 24.59 27.14 -27.44
C SER A 187 23.17 26.63 -27.11
N ALA A 188 22.39 27.42 -26.39
CA ALA A 188 21.04 27.03 -26.02
C ALA A 188 20.10 27.14 -27.22
N GLU A 189 20.20 28.20 -27.99
CA GLU A 189 19.33 28.37 -29.14
C GLU A 189 19.50 27.20 -30.12
N SER A 190 20.73 26.73 -30.32
CA SER A 190 20.92 25.65 -31.27
C SER A 190 20.49 24.29 -30.68
N GLU A 191 20.76 24.07 -29.40
CA GLU A 191 20.24 22.86 -28.77
C GLU A 191 18.71 22.85 -28.90
N ALA A 192 18.08 24.00 -28.67
CA ALA A 192 16.63 24.06 -28.68
C ALA A 192 16.10 23.77 -30.09
N THR A 194 17.51 21.85 -32.35
CA THR A 194 17.69 20.44 -32.63
C THR A 194 16.63 19.65 -31.91
N ALA A 195 16.44 19.96 -30.63
CA ALA A 195 15.55 19.19 -29.78
C ALA A 195 14.06 19.46 -29.99
N PHE A 196 13.69 20.64 -30.51
CA PHE A 196 12.30 21.06 -30.43
C PHE A 196 11.79 21.74 -31.66
N GLY A 197 12.69 22.02 -32.61
CA GLY A 197 12.32 22.71 -33.84
C GLY A 197 11.95 24.15 -33.63
N ASP A 198 12.19 24.64 -32.42
CA ASP A 198 11.90 26.03 -32.09
C ASP A 198 13.05 26.53 -31.24
N GLY A 199 13.61 27.66 -31.63
CA GLY A 199 14.78 28.20 -30.98
C GLY A 199 14.50 29.40 -30.10
N THR A 200 13.25 29.83 -30.06
CA THR A 200 12.82 30.96 -29.23
C THR A 200 13.33 30.88 -27.78
N TYR A 202 13.80 32.85 -23.93
CA TYR A 202 13.45 33.92 -23.01
C TYR A 202 14.48 33.95 -21.89
N GLU A 204 15.22 34.91 -17.55
CA GLU A 204 14.73 35.31 -16.25
C GLU A 204 15.89 35.40 -15.27
N LYS A 205 15.66 36.09 -14.16
CA LYS A 205 16.67 36.17 -13.13
C LYS A 205 16.96 34.75 -12.58
N TYR A 206 18.21 34.45 -12.30
CA TYR A 206 18.57 33.13 -11.82
C TYR A 206 18.48 33.16 -10.31
N ILE A 207 17.55 32.42 -9.75
CA ILE A 207 17.42 32.39 -8.30
C ILE A 207 18.51 31.52 -7.68
N GLN A 208 19.16 32.06 -6.66
CA GLN A 208 20.28 31.34 -6.04
C GLN A 208 19.74 30.30 -5.07
N ASN A 209 20.27 29.09 -5.16
CA ASN A 209 19.88 28.00 -4.24
C ASN A 209 18.40 27.86 -4.00
N PRO A 210 17.61 27.77 -5.09
CA PRO A 210 16.15 27.71 -4.98
C PRO A 210 15.65 26.34 -4.49
N ARG A 211 14.49 26.37 -3.86
CA ARG A 211 13.72 25.17 -3.59
C ARG A 211 12.65 25.10 -4.65
N HIS A 212 12.43 23.87 -5.16
CA HIS A 212 11.46 23.63 -6.21
C HIS A 212 10.24 23.02 -5.58
N ILE A 213 9.12 23.73 -5.65
CA ILE A 213 7.90 23.28 -5.00
C ILE A 213 6.77 23.33 -5.98
N GLU A 214 5.94 22.31 -6.02
CA GLU A 214 4.91 22.35 -7.04
C GLU A 214 3.56 22.01 -6.44
N VAL A 215 2.50 22.56 -7.02
CA VAL A 215 1.16 22.27 -6.53
C VAL A 215 0.39 21.46 -7.54
N GLN A 216 -0.16 20.36 -7.06
CA GLN A 216 -1.01 19.50 -7.85
C GLN A 216 -2.46 20.04 -7.83
N VAL A 217 -3.02 20.32 -8.99
CA VAL A 217 -4.43 20.70 -9.10
C VAL A 217 -5.21 19.73 -10.02
N ILE A 218 -6.52 19.66 -9.84
CA ILE A 218 -7.40 19.00 -10.83
C ILE A 218 -8.60 19.92 -11.06
N GLY A 219 -8.94 20.18 -12.33
CA GLY A 219 -10.09 20.99 -12.68
C GLY A 219 -11.18 20.17 -13.36
N ASP A 220 -12.43 20.58 -13.22
CA ASP A 220 -13.50 19.83 -13.88
C ASP A 220 -14.21 20.68 -14.93
N SER A 221 -15.17 20.09 -15.64
CA SER A 221 -15.83 20.82 -16.73
C SER A 221 -16.86 21.81 -16.19
N PHE A 222 -17.01 21.89 -14.87
CA PHE A 222 -17.89 22.90 -14.28
C PHE A 222 -17.13 24.14 -13.82
N GLY A 223 -15.81 24.16 -14.05
CA GLY A 223 -14.95 25.20 -13.54
C GLY A 223 -14.48 25.04 -12.09
N ASN A 224 -14.84 23.93 -11.44
CA ASN A 224 -14.22 23.65 -10.14
C ASN A 224 -12.76 23.25 -10.30
N VAL A 225 -11.92 23.78 -9.41
CA VAL A 225 -10.51 23.41 -9.34
C VAL A 225 -10.12 23.09 -7.90
N ILE A 226 -9.55 21.91 -7.68
CA ILE A 226 -9.05 21.56 -6.35
C ILE A 226 -7.53 21.41 -6.35
N HIS A 227 -6.89 21.54 -5.19
CA HIS A 227 -5.48 21.16 -5.09
C HIS A 227 -5.42 19.92 -4.23
N VAL A 228 -4.33 19.20 -4.37
CA VAL A 228 -4.05 18.01 -3.60
C VAL A 228 -2.73 18.25 -2.87
N GLY A 229 -2.50 19.47 -2.40
CA GLY A 229 -1.28 19.79 -1.67
C GLY A 229 -0.08 20.04 -2.58
N GLU A 230 1.05 20.30 -1.96
CA GLU A 230 2.23 20.72 -2.69
C GLU A 230 3.34 19.73 -2.41
N ARG A 231 4.23 19.61 -3.38
CA ARG A 231 5.37 18.70 -3.31
C ARG A 231 6.69 19.47 -3.40
N ASP A 232 7.66 19.04 -2.61
CA ASP A 232 9.01 19.61 -2.70
C ASP A 232 9.80 18.65 -3.54
N CYS A 233 10.33 19.12 -4.66
N CYS A 233 10.31 19.13 -4.66
CA CYS A 233 11.18 18.30 -5.52
CA CYS A 233 11.18 18.34 -5.52
C CYS A 233 12.57 18.91 -5.68
C CYS A 233 12.50 19.07 -5.72
N SER A 234 13.13 19.48 -4.61
CA SER A 234 14.37 20.22 -4.70
C SER A 234 15.63 19.40 -4.96
N GLN A 236 17.62 17.61 -6.98
CA GLN A 236 17.71 17.39 -8.40
C GLN A 236 19.16 17.17 -8.81
N ARG A 237 19.36 16.39 -9.85
CA ARG A 237 20.66 16.19 -10.46
C ARG A 237 20.57 16.65 -11.93
N ARG A 238 21.42 17.60 -12.32
CA ARG A 238 21.29 18.27 -13.63
C ARG A 238 19.85 18.67 -13.95
N HIS A 239 19.14 19.22 -12.97
CA HIS A 239 17.78 19.73 -13.20
C HIS A 239 16.76 18.60 -13.44
N GLN A 240 17.13 17.41 -12.99
CA GLN A 240 16.34 16.20 -13.12
C GLN A 240 15.88 15.77 -11.72
N LYS A 241 14.61 15.38 -11.58
CA LYS A 241 14.10 14.99 -10.28
C LYS A 241 14.52 13.57 -9.87
N LEU A 242 14.88 13.39 -8.61
N LEU A 242 14.89 13.41 -8.60
CA LEU A 242 15.29 12.09 -8.09
CA LEU A 242 15.32 12.11 -8.08
C LEU A 242 14.43 11.70 -6.89
C LEU A 242 14.43 11.71 -6.90
N ILE A 243 14.11 12.68 -6.06
CA ILE A 243 13.36 12.45 -4.84
C ILE A 243 12.32 13.55 -4.68
N GLU A 244 11.09 13.15 -4.40
CA GLU A 244 10.03 14.15 -4.26
C GLU A 244 9.27 13.85 -2.97
N GLU A 245 8.69 14.86 -2.38
CA GLU A 245 7.96 14.68 -1.16
C GLU A 245 6.86 15.70 -0.91
N SER A 246 5.96 15.32 -0.02
CA SER A 246 4.85 16.16 0.29
C SER A 246 4.52 15.85 1.73
N PRO A 247 4.19 16.89 2.52
CA PRO A 247 4.23 18.29 2.05
C PRO A 247 5.67 18.86 1.99
N ALA A 248 5.81 20.12 1.62
CA ALA A 248 7.10 20.82 1.68
C ALA A 248 7.29 21.47 3.07
N ILE A 249 8.00 20.82 3.98
CA ILE A 249 8.11 21.37 5.34
C ILE A 249 8.86 22.70 5.42
N LEU A 250 9.64 23.03 4.38
CA LEU A 250 10.20 24.37 4.24
C LEU A 250 9.17 25.47 4.53
N LEU A 251 7.92 25.26 4.15
CA LEU A 251 6.93 26.33 4.18
C LEU A 251 6.24 26.44 5.53
N ASP A 252 5.87 27.66 5.92
CA ASP A 252 4.93 27.82 7.03
C ASP A 252 3.50 27.79 6.47
N GLU A 253 2.52 27.58 7.34
CA GLU A 253 1.12 27.50 6.95
C GLU A 253 0.61 28.71 6.15
N LYS A 254 0.97 29.91 6.58
CA LYS A 254 0.56 31.09 5.81
C LYS A 254 1.10 31.09 4.37
N THR A 255 2.37 30.74 4.19
CA THR A 255 2.92 30.62 2.84
C THR A 255 2.28 29.44 2.08
N ARG A 256 2.01 28.34 2.77
CA ARG A 256 1.41 27.18 2.14
C ARG A 256 0.01 27.53 1.65
N THR A 257 -0.75 28.23 2.49
CA THR A 257 -2.10 28.69 2.13
C THR A 257 -2.07 29.64 0.92
N ARG A 258 -1.11 30.53 0.88
N ARG A 258 -1.11 30.54 0.90
CA ARG A 258 -1.01 31.45 -0.25
CA ARG A 258 -0.94 31.47 -0.21
C ARG A 258 -0.61 30.74 -1.54
C ARG A 258 -0.59 30.74 -1.52
N LEU A 259 0.32 29.78 -1.45
CA LEU A 259 0.73 29.00 -2.61
C LEU A 259 -0.44 28.14 -3.16
N HIS A 260 -1.21 27.49 -2.28
CA HIS A 260 -2.41 26.78 -2.71
C HIS A 260 -3.44 27.68 -3.40
N GLU A 261 -3.68 28.86 -2.87
CA GLU A 261 -4.71 29.74 -3.47
C GLU A 261 -4.24 30.27 -4.83
N THR A 262 -2.94 30.48 -4.96
CA THR A 262 -2.35 30.98 -6.19
C THR A 262 -2.50 29.93 -7.30
N ALA A 263 -2.23 28.68 -6.98
CA ALA A 263 -2.37 27.61 -7.96
C ALA A 263 -3.83 27.48 -8.39
N ILE A 264 -4.77 27.52 -7.44
CA ILE A 264 -6.20 27.46 -7.72
C ILE A 264 -6.64 28.63 -8.61
N LYS A 265 -6.15 29.83 -8.30
CA LYS A 265 -6.53 31.03 -9.04
C LYS A 265 -6.00 30.93 -10.47
N ALA A 266 -4.78 30.44 -10.60
CA ALA A 266 -4.14 30.33 -11.89
C ALA A 266 -4.90 29.39 -12.81
N ALA A 267 -5.28 28.22 -12.29
CA ALA A 267 -6.02 27.24 -13.08
C ALA A 267 -7.41 27.73 -13.49
N LYS A 268 -8.07 28.48 -12.62
CA LYS A 268 -9.36 29.04 -13.03
C LYS A 268 -9.21 30.10 -14.12
N ALA A 269 -8.13 30.89 -14.03
CA ALA A 269 -7.90 31.96 -14.96
C ALA A 269 -7.80 31.41 -16.37
N ILE A 270 -7.25 30.20 -16.50
N ILE A 270 -7.27 30.20 -16.48
CA ILE A 270 -7.06 29.63 -17.82
CA ILE A 270 -7.05 29.59 -17.79
C ILE A 270 -8.11 28.54 -18.18
C ILE A 270 -8.25 28.74 -18.25
N GLY A 271 -9.08 28.32 -17.31
CA GLY A 271 -10.14 27.37 -17.61
C GLY A 271 -9.63 25.92 -17.67
N TYR A 272 -8.76 25.59 -16.74
CA TYR A 272 -8.08 24.29 -16.79
C TYR A 272 -8.94 23.11 -16.32
N GLU A 273 -9.03 22.08 -17.14
CA GLU A 273 -9.77 20.87 -16.81
C GLU A 273 -8.79 19.70 -16.85
N GLY A 274 -8.90 18.78 -15.88
CA GLY A 274 -8.02 17.63 -15.78
C GLY A 274 -6.94 17.81 -14.72
N ALA A 275 -6.02 16.86 -14.62
CA ALA A 275 -4.89 16.97 -13.70
C ALA A 275 -3.79 17.88 -14.27
N GLY A 276 -3.19 18.71 -13.40
CA GLY A 276 -2.15 19.59 -13.88
C GLY A 276 -1.28 20.01 -12.73
N THR A 277 -0.08 20.51 -13.03
CA THR A 277 0.79 20.92 -11.95
C THR A 277 1.40 22.30 -12.14
N PHE A 278 1.32 23.12 -11.10
CA PHE A 278 1.96 24.42 -11.14
C PHE A 278 3.34 24.37 -10.47
N GLU A 279 4.38 24.73 -11.20
CA GLU A 279 5.72 24.72 -10.62
C GLU A 279 6.21 26.09 -10.17
N PHE A 280 6.74 26.12 -8.96
CA PHE A 280 7.27 27.34 -8.39
C PHE A 280 8.70 27.17 -7.92
N LEU A 281 9.47 28.26 -7.90
CA LEU A 281 10.73 28.25 -7.17
C LEU A 281 10.52 29.11 -5.94
N VAL A 282 11.18 28.75 -4.84
CA VAL A 282 11.10 29.46 -3.58
C VAL A 282 12.47 29.95 -3.20
N ASP A 283 12.59 31.25 -2.93
CA ASP A 283 13.89 31.83 -2.62
C ASP A 283 14.15 31.90 -1.10
N LYS A 284 15.30 32.46 -0.73
CA LYS A 284 15.67 32.52 0.67
C LYS A 284 14.67 33.24 1.58
N ASN A 285 13.89 34.20 1.07
CA ASN A 285 12.88 34.84 1.93
C ASN A 285 11.50 34.17 1.93
N LEU A 286 11.42 32.97 1.34
CA LEU A 286 10.16 32.22 1.28
C LEU A 286 9.13 32.89 0.36
N ASP A 287 9.62 33.66 -0.59
CA ASP A 287 8.77 34.16 -1.65
C ASP A 287 8.81 33.10 -2.74
N PHE A 288 7.69 32.91 -3.41
CA PHE A 288 7.60 31.88 -4.44
C PHE A 288 7.30 32.53 -5.77
N TYR A 289 7.75 31.91 -6.85
CA TYR A 289 7.53 32.42 -8.19
C TYR A 289 7.19 31.27 -9.09
N PHE A 290 6.17 31.46 -9.92
CA PHE A 290 5.78 30.51 -10.97
C PHE A 290 6.89 30.38 -11.99
N ILE A 291 7.27 29.18 -12.35
CA ILE A 291 8.18 29.03 -13.48
C ILE A 291 7.51 28.37 -14.68
N GLU A 292 6.56 27.48 -14.42
CA GLU A 292 5.84 26.81 -15.51
C GLU A 292 4.69 25.96 -15.04
N ASN A 294 2.70 22.28 -15.92
CA ASN A 294 2.63 21.03 -16.66
C ASN A 294 1.19 20.64 -16.89
N THR A 295 0.77 20.68 -18.15
N THR A 295 0.79 20.64 -18.16
CA THR A 295 -0.61 20.37 -18.53
CA THR A 295 -0.57 20.38 -18.55
C THR A 295 -0.85 18.88 -18.69
C THR A 295 -0.82 18.88 -18.71
N ARG A 296 -0.49 18.12 -17.66
CA ARG A 296 -0.61 16.67 -17.68
C ARG A 296 -0.32 16.14 -16.28
N LEU A 297 -0.65 14.86 -16.07
CA LEU A 297 -0.17 14.13 -14.92
C LEU A 297 1.37 14.08 -14.94
N GLN A 298 1.99 14.09 -13.77
CA GLN A 298 3.43 13.85 -13.69
C GLN A 298 3.81 12.59 -12.98
N VAL A 299 5.05 12.17 -13.20
CA VAL A 299 5.62 10.97 -12.62
C VAL A 299 5.39 10.88 -11.10
N GLU A 300 5.53 12.02 -10.42
CA GLU A 300 5.57 12.02 -8.95
C GLU A 300 4.18 12.22 -8.28
N HIS A 301 3.10 12.03 -9.04
CA HIS A 301 1.74 12.22 -8.54
C HIS A 301 1.42 11.35 -7.33
N CYS A 302 2.07 10.17 -7.22
CA CYS A 302 1.78 9.21 -6.16
C CYS A 302 2.02 9.76 -4.77
N VAL A 303 3.01 10.65 -4.66
CA VAL A 303 3.28 11.35 -3.41
C VAL A 303 2.01 12.12 -2.93
N SER A 304 1.36 12.83 -3.85
CA SER A 304 0.16 13.57 -3.48
C SER A 304 -1.01 12.64 -3.18
N GLU A 305 -1.04 11.49 -3.85
CA GLU A 305 -2.05 10.48 -3.57
C GLU A 305 -1.97 9.94 -2.16
N VAL A 307 -0.69 11.40 0.59
CA VAL A 307 -1.07 12.32 1.68
C VAL A 307 -2.55 12.76 1.65
N SER A 308 -3.21 12.57 0.51
CA SER A 308 -4.56 13.07 0.32
C SER A 308 -5.63 12.00 0.28
N GLY A 309 -5.22 10.77 -0.02
CA GLY A 309 -6.18 9.69 -0.22
C GLY A 309 -6.91 9.71 -1.56
N ILE A 310 -6.47 10.54 -2.49
CA ILE A 310 -7.14 10.68 -3.79
C ILE A 310 -6.48 9.78 -4.83
N ASP A 311 -7.26 9.03 -5.60
CA ASP A 311 -6.74 8.41 -6.83
C ASP A 311 -6.85 9.47 -7.93
N ILE A 312 -5.72 10.12 -8.24
CA ILE A 312 -5.74 11.21 -9.21
C ILE A 312 -6.22 10.78 -10.60
N ILE A 313 -5.80 9.61 -11.05
CA ILE A 313 -6.23 9.11 -12.35
C ILE A 313 -7.74 8.83 -12.36
N GLU A 314 -8.24 8.29 -11.26
CA GLU A 314 -9.65 8.06 -11.16
C GLU A 314 -10.41 9.40 -11.35
N GLN A 315 -9.91 10.46 -10.70
CA GLN A 315 -10.53 11.78 -10.85
C GLN A 315 -10.42 12.28 -12.29
N ILE A 317 -10.48 10.62 -14.96
CA ILE A 317 -11.44 9.90 -15.77
C ILE A 317 -12.86 10.38 -15.47
N LYS A 318 -13.19 10.55 -14.21
CA LYS A 318 -14.51 11.14 -13.86
C LYS A 318 -14.70 12.49 -14.52
N VAL A 319 -13.67 13.32 -14.47
CA VAL A 319 -13.73 14.65 -15.09
C VAL A 319 -14.02 14.57 -16.61
N ALA A 320 -13.31 13.67 -17.31
CA ALA A 320 -13.54 13.42 -18.73
C ALA A 320 -14.96 12.89 -18.99
N GLU A 321 -15.58 12.26 -18.01
CA GLU A 321 -16.95 11.79 -18.22
C GLU A 321 -18.00 12.82 -17.83
N GLY A 322 -17.58 13.99 -17.35
CA GLY A 322 -18.51 15.08 -17.09
C GLY A 322 -18.95 15.20 -15.63
N TYR A 323 -18.27 14.47 -14.74
CA TYR A 323 -18.58 14.58 -13.31
C TYR A 323 -17.90 15.78 -12.64
N ALA A 324 -18.49 16.20 -11.53
CA ALA A 324 -17.93 17.26 -10.70
C ALA A 324 -16.95 16.63 -9.71
N LEU A 325 -15.85 17.33 -9.46
CA LEU A 325 -14.85 16.91 -8.49
C LEU A 325 -15.35 17.05 -7.04
N PRO A 326 -14.71 16.32 -6.13
CA PRO A 326 -15.09 16.50 -4.72
C PRO A 326 -14.78 17.91 -4.28
N SER A 327 -15.38 18.30 -3.16
CA SER A 327 -15.15 19.64 -2.63
C SER A 327 -13.74 19.74 -2.03
N GLN A 328 -13.13 20.91 -2.09
CA GLN A 328 -11.84 21.13 -1.44
C GLN A 328 -11.92 20.71 0.04
N GLU A 329 -12.98 21.14 0.74
N GLU A 329 -12.98 21.16 0.73
CA GLU A 329 -13.14 20.82 2.15
CA GLU A 329 -13.20 20.83 2.15
C GLU A 329 -13.14 19.32 2.47
C GLU A 329 -13.09 19.32 2.44
N SER A 330 -13.51 18.48 1.50
CA SER A 330 -13.48 17.03 1.72
C SER A 330 -12.09 16.41 1.52
N ILE A 331 -11.17 17.19 0.94
N ILE A 331 -11.16 17.18 0.94
CA ILE A 331 -9.79 16.75 0.75
CA ILE A 331 -9.80 16.71 0.76
C ILE A 331 -8.98 17.00 2.02
C ILE A 331 -8.96 16.98 2.00
N LYS A 332 -8.55 15.92 2.68
CA LYS A 332 -7.76 16.04 3.90
C LYS A 332 -6.32 15.63 3.65
N LEU A 333 -5.37 16.54 3.92
CA LEU A 333 -3.97 16.21 3.74
C LEU A 333 -3.36 15.77 5.07
N ASN A 334 -2.79 14.57 5.11
CA ASN A 334 -2.27 14.00 6.34
C ASN A 334 -0.92 13.35 6.16
N GLY A 335 -0.12 13.44 7.20
CA GLY A 335 1.16 12.77 7.25
C GLY A 335 2.12 13.25 6.19
N HIS A 336 3.01 12.37 5.83
CA HIS A 336 4.12 12.78 5.02
C HIS A 336 4.51 11.65 4.06
N SER A 337 4.86 11.99 2.83
CA SER A 337 5.12 10.96 1.84
C SER A 337 6.39 11.30 1.08
N ILE A 338 7.18 10.28 0.75
CA ILE A 338 8.43 10.46 0.02
C ILE A 338 8.49 9.47 -1.13
N GLU A 339 9.00 9.89 -2.27
CA GLU A 339 9.18 9.02 -3.41
C GLU A 339 10.65 9.03 -3.84
N CYS A 340 11.20 7.83 -4.04
CA CYS A 340 12.53 7.69 -4.63
C CYS A 340 12.41 7.01 -6.02
N ARG A 341 12.94 7.65 -7.04
CA ARG A 341 12.95 7.05 -8.38
C ARG A 341 14.05 6.01 -8.51
N ILE A 342 13.68 4.74 -8.64
CA ILE A 342 14.67 3.70 -8.87
C ILE A 342 14.92 3.50 -10.38
N THR A 343 16.15 3.77 -10.78
CA THR A 343 16.55 3.65 -12.17
C THR A 343 17.72 2.71 -12.31
N ALA A 344 17.87 2.19 -13.54
CA ALA A 344 18.90 1.25 -13.89
C ALA A 344 20.13 2.02 -14.34
N GLU A 345 20.78 2.66 -13.37
CA GLU A 345 21.97 3.44 -13.60
C GLU A 345 22.84 3.27 -12.36
N ASP A 346 24.16 3.38 -12.53
CA ASP A 346 25.11 3.31 -11.42
C ASP A 346 24.83 4.42 -10.40
N SER A 347 24.81 4.06 -9.13
N SER A 347 24.81 4.06 -9.13
CA SER A 347 24.53 5.01 -8.04
CA SER A 347 24.51 5.01 -8.05
C SER A 347 25.56 6.13 -7.89
C SER A 347 25.55 6.14 -7.90
N LYS A 348 26.78 5.90 -8.37
CA LYS A 348 27.81 6.94 -8.32
C LYS A 348 27.88 7.76 -9.61
N THR A 349 27.96 7.09 -10.77
CA THR A 349 28.17 7.83 -12.01
C THR A 349 26.89 8.17 -12.71
N PHE A 350 25.81 7.48 -12.33
CA PHE A 350 24.52 7.65 -13.01
C PHE A 350 24.54 7.27 -14.47
N LEU A 351 25.51 6.46 -14.87
CA LEU A 351 25.54 5.96 -16.23
C LEU A 351 24.61 4.76 -16.32
N PRO A 352 23.87 4.65 -17.43
CA PRO A 352 22.89 3.59 -17.66
C PRO A 352 23.49 2.21 -17.46
N SER A 353 22.67 1.28 -16.97
CA SER A 353 23.10 -0.08 -16.80
C SER A 353 22.05 -1.00 -17.38
N PRO A 354 21.98 -1.10 -18.72
CA PRO A 354 20.99 -2.00 -19.34
C PRO A 354 21.31 -3.43 -18.99
N GLY A 355 20.34 -4.32 -19.11
CA GLY A 355 20.59 -5.74 -18.90
C GLY A 355 19.36 -6.51 -18.42
N LYS A 356 19.53 -7.79 -18.13
CA LYS A 356 18.43 -8.60 -17.66
C LYS A 356 18.42 -8.65 -16.13
N ILE A 357 17.24 -8.46 -15.56
CA ILE A 357 17.08 -8.55 -14.11
C ILE A 357 16.97 -10.02 -13.73
N THR A 358 17.97 -10.55 -13.04
CA THR A 358 18.04 -11.97 -12.71
C THR A 358 17.46 -12.24 -11.33
N LYS A 359 17.26 -11.16 -10.57
CA LYS A 359 16.60 -11.30 -9.28
C LYS A 359 15.85 -10.01 -8.99
N TYR A 360 14.58 -10.16 -8.68
CA TYR A 360 13.73 -9.03 -8.40
C TYR A 360 12.79 -9.36 -7.23
N ILE A 361 13.04 -8.73 -6.10
CA ILE A 361 12.15 -8.85 -4.97
C ILE A 361 11.87 -7.45 -4.49
N PRO A 362 10.63 -6.97 -4.71
CA PRO A 362 10.29 -5.58 -4.35
C PRO A 362 9.97 -5.43 -2.86
N PRO A 363 10.11 -4.22 -2.31
CA PRO A 363 9.69 -4.07 -0.93
C PRO A 363 8.16 -4.03 -0.86
N ALA A 364 7.64 -4.19 0.36
CA ALA A 364 6.22 -4.13 0.60
C ALA A 364 6.04 -3.77 2.04
N GLY A 365 4.83 -3.98 2.54
CA GLY A 365 4.52 -3.58 3.90
C GLY A 365 3.51 -2.45 3.98
N ARG A 366 3.20 -2.12 5.21
CA ARG A 366 2.29 -1.06 5.51
C ARG A 366 2.75 0.28 4.88
N ASN A 367 1.88 0.89 4.07
CA ASN A 367 2.11 2.25 3.57
C ASN A 367 3.37 2.35 2.70
N VAL A 368 3.67 1.26 2.00
CA VAL A 368 4.78 1.20 1.04
C VAL A 368 4.19 0.88 -0.33
N ARG A 369 4.52 1.67 -1.35
CA ARG A 369 4.02 1.46 -2.73
C ARG A 369 5.23 1.34 -3.65
N GLU A 371 5.80 1.13 -7.28
CA GLU A 371 5.14 1.33 -8.57
C GLU A 371 6.15 0.91 -9.67
N SER A 372 6.01 -0.32 -10.12
CA SER A 372 7.00 -0.83 -11.06
C SER A 372 6.38 -1.83 -11.99
N HIS A 373 6.93 -1.91 -13.19
CA HIS A 373 6.44 -2.88 -14.15
C HIS A 373 7.47 -3.99 -14.35
N CYS A 374 8.55 -3.96 -13.57
CA CYS A 374 9.61 -4.97 -13.73
C CYS A 374 9.29 -6.29 -13.03
N TYR A 375 10.00 -7.35 -13.40
CA TYR A 375 9.81 -8.64 -12.76
C TYR A 375 11.07 -9.47 -13.03
N GLN A 376 11.22 -10.59 -12.37
CA GLN A 376 12.42 -11.37 -12.52
C GLN A 376 12.46 -11.96 -13.93
N ASP A 377 13.56 -11.69 -14.63
CA ASP A 377 13.81 -12.15 -15.99
C ASP A 377 13.49 -11.09 -17.04
N TYR A 378 12.96 -9.97 -16.60
CA TYR A 378 12.65 -8.87 -17.51
C TYR A 378 13.93 -8.21 -18.00
N SER A 379 13.96 -7.78 -19.26
CA SER A 379 15.11 -7.02 -19.70
C SER A 379 14.86 -5.53 -19.71
N VAL A 380 15.76 -4.80 -19.09
CA VAL A 380 15.59 -3.35 -18.99
C VAL A 380 16.47 -2.71 -20.05
N PRO A 381 15.83 -2.07 -21.05
CA PRO A 381 16.53 -1.26 -22.06
C PRO A 381 16.86 0.15 -21.52
N ALA A 382 17.83 0.24 -20.61
CA ALA A 382 18.09 1.48 -19.86
C ALA A 382 18.59 2.64 -20.74
N TYR A 383 19.08 2.32 -21.93
CA TYR A 383 19.48 3.32 -22.90
C TYR A 383 18.27 4.14 -23.39
N TYR A 384 17.09 3.54 -23.28
CA TYR A 384 15.85 4.10 -23.85
C TYR A 384 14.88 4.68 -22.80
N ASP A 385 14.87 4.07 -21.64
CA ASP A 385 14.17 4.58 -20.46
C ASP A 385 14.72 3.72 -19.37
N SER A 386 15.39 4.33 -18.39
CA SER A 386 16.05 3.52 -17.38
C SER A 386 15.23 3.33 -16.10
N ILE A 388 13.20 1.74 -13.45
CA ILE A 388 12.79 0.45 -12.93
C ILE A 388 11.45 0.58 -12.18
N GLY A 389 11.38 1.56 -11.28
CA GLY A 389 10.13 1.88 -10.62
C GLY A 389 10.26 3.02 -9.61
N LYS A 390 9.13 3.43 -9.05
CA LYS A 390 9.13 4.48 -8.05
C LYS A 390 8.81 3.82 -6.73
N LEU A 391 9.63 4.07 -5.73
CA LEU A 391 9.35 3.58 -4.40
C LEU A 391 8.73 4.74 -3.57
N VAL A 392 7.50 4.53 -3.12
CA VAL A 392 6.78 5.59 -2.41
C VAL A 392 6.36 5.06 -1.05
N VAL A 393 6.68 5.81 0.00
CA VAL A 393 6.21 5.51 1.35
C VAL A 393 5.46 6.68 1.96
N TRP A 394 4.66 6.35 2.98
CA TRP A 394 3.91 7.34 3.73
C TRP A 394 4.06 7.04 5.22
N ALA A 395 4.06 8.10 6.02
CA ALA A 395 4.10 8.00 7.48
C ALA A 395 3.56 9.27 8.12
N GLU A 396 3.48 9.24 9.44
CA GLU A 396 2.79 10.25 10.19
C GLU A 396 3.57 11.57 10.18
N ASP A 397 4.89 11.49 10.05
CA ASP A 397 5.71 12.68 9.87
C ASP A 397 6.97 12.41 9.07
N ARG A 398 7.73 13.47 8.77
CA ARG A 398 8.84 13.38 7.85
C ARG A 398 9.93 12.37 8.29
N ASN A 399 10.34 12.47 9.56
CA ASN A 399 11.37 11.57 10.07
C ASN A 399 10.93 10.14 10.04
N LYS A 400 9.65 9.89 10.27
CA LYS A 400 9.16 8.52 10.21
C LYS A 400 9.10 8.03 8.78
N ALA A 401 8.81 8.93 7.85
CA ALA A 401 8.77 8.54 6.45
C ALA A 401 10.18 8.21 5.94
N ILE A 402 11.18 8.97 6.43
CA ILE A 402 12.55 8.74 6.04
C ILE A 402 13.03 7.39 6.59
N ALA A 403 12.74 7.13 7.86
CA ALA A 403 13.09 5.81 8.39
C ALA A 403 12.35 4.66 7.66
N LYS A 404 11.17 4.92 7.13
CA LYS A 404 10.43 3.87 6.44
C LYS A 404 11.05 3.65 5.05
N LYS A 406 14.23 4.05 4.23
CA LYS A 406 15.44 3.27 4.45
C LYS A 406 15.17 1.75 4.51
N VAL A 407 14.13 1.36 5.26
CA VAL A 407 13.77 -0.06 5.39
C VAL A 407 13.23 -0.61 4.08
N ALA A 408 12.37 0.16 3.42
CA ALA A 408 11.87 -0.24 2.11
C ALA A 408 13.01 -0.38 1.09
N LEU A 409 13.93 0.60 1.06
CA LEU A 409 15.09 0.52 0.16
C LEU A 409 16.00 -0.67 0.46
N ASP A 410 16.27 -0.92 1.74
CA ASP A 410 17.05 -2.06 2.19
C ASP A 410 16.49 -3.40 1.71
N GLU A 411 15.18 -3.46 1.52
CA GLU A 411 14.51 -4.71 1.17
C GLU A 411 14.32 -4.87 -0.33
N LEU A 412 14.57 -3.81 -1.07
CA LEU A 412 14.57 -3.90 -2.52
C LEU A 412 15.79 -4.73 -2.95
N LEU A 413 15.55 -5.91 -3.53
CA LEU A 413 16.69 -6.73 -3.97
C LEU A 413 16.61 -6.91 -5.48
N ILE A 414 17.59 -6.35 -6.18
CA ILE A 414 17.65 -6.46 -7.62
C ILE A 414 19.02 -6.94 -8.02
N SER A 415 19.09 -7.88 -8.95
CA SER A 415 20.40 -8.31 -9.44
C SER A 415 20.42 -8.37 -10.96
N GLY A 416 21.60 -8.18 -11.53
CA GLY A 416 21.81 -8.32 -12.96
C GLY A 416 22.04 -6.95 -13.58
N ILE A 417 21.64 -5.91 -12.83
CA ILE A 417 21.87 -4.55 -13.29
C ILE A 417 22.16 -3.70 -12.07
N LYS A 418 22.84 -2.58 -12.28
CA LYS A 418 23.08 -1.62 -11.22
C LYS A 418 21.83 -0.75 -11.06
N THR A 419 21.56 -0.30 -9.84
CA THR A 419 20.46 0.66 -9.64
C THR A 419 20.90 1.82 -8.79
N THR A 420 20.00 2.79 -8.65
CA THR A 420 20.27 3.97 -7.85
C THR A 420 19.88 3.77 -6.39
N LYS A 421 19.54 2.53 -6.02
CA LYS A 421 19.17 2.18 -4.65
C LYS A 421 20.16 2.76 -3.64
N ASP A 422 21.44 2.53 -3.88
CA ASP A 422 22.47 3.01 -2.96
C ASP A 422 22.57 4.51 -2.92
N PHE A 423 22.36 5.17 -4.06
CA PHE A 423 22.28 6.63 -4.04
C PHE A 423 21.21 7.07 -3.01
N HIS A 424 20.01 6.50 -3.12
CA HIS A 424 18.87 6.84 -2.27
C HIS A 424 19.04 6.53 -0.78
N LEU A 425 19.53 5.33 -0.49
CA LEU A 425 19.91 4.94 0.85
C LEU A 425 20.89 5.93 1.45
N SER A 426 21.86 6.39 0.65
CA SER A 426 22.79 7.33 1.25
C SER A 426 22.18 8.73 1.42
N GLU A 429 20.33 8.89 4.72
CA GLU A 429 21.28 8.96 5.85
C GLU A 429 22.03 10.30 5.84
N ASN A 430 21.79 11.11 4.82
CA ASN A 430 22.51 12.35 4.69
C ASN A 430 21.90 13.42 5.62
N PRO A 431 22.69 13.91 6.59
CA PRO A 431 22.18 14.91 7.56
C PRO A 431 21.59 16.17 6.91
N ASP A 432 22.17 16.65 5.82
CA ASP A 432 21.61 17.79 5.09
C ASP A 432 20.19 17.53 4.58
N PHE A 433 19.96 16.31 4.13
CA PHE A 433 18.63 15.92 3.72
C PHE A 433 17.68 15.84 4.93
N ILE A 434 18.12 15.20 5.99
CA ILE A 434 17.30 15.06 7.19
C ILE A 434 16.94 16.44 7.72
N ASN A 435 17.91 17.36 7.71
CA ASN A 435 17.73 18.70 8.28
C ASN A 435 17.09 19.69 7.33
N ASN A 436 16.85 19.24 6.10
CA ASN A 436 16.20 20.06 5.09
C ASN A 436 17.05 21.25 4.62
N ASN A 437 18.37 21.12 4.71
CA ASN A 437 19.28 22.11 4.14
C ASN A 437 19.85 21.64 2.78
N TYR A 438 19.09 21.81 1.71
CA TYR A 438 19.59 21.54 0.37
C TYR A 438 18.75 22.33 -0.59
N ASP A 439 19.02 22.18 -1.88
CA ASP A 439 18.33 22.95 -2.88
C ASP A 439 18.69 22.29 -4.22
N THR A 440 18.18 22.85 -5.31
CA THR A 440 18.37 22.29 -6.64
C THR A 440 19.83 22.11 -7.05
N ASN A 441 20.75 22.79 -6.35
CA ASN A 441 22.17 22.73 -6.72
C ASN A 441 23.00 21.96 -5.74
N TYR A 442 22.36 21.42 -4.71
CA TYR A 442 23.07 20.68 -3.68
C TYR A 442 23.92 19.57 -4.28
N LEU A 443 23.35 18.73 -5.14
CA LEU A 443 24.14 17.61 -5.67
C LEU A 443 25.33 18.10 -6.47
N ALA A 444 25.18 19.26 -7.15
CA ALA A 444 26.25 19.82 -7.99
C ALA A 444 27.45 20.33 -7.17
N ARG A 445 27.21 20.79 -5.96
CA ARG A 445 28.33 21.19 -5.16
C ARG A 445 28.76 20.09 -4.18
N HIS A 446 28.34 18.86 -4.48
CA HIS A 446 28.75 17.69 -3.71
C HIS A 446 29.14 16.52 -4.63
N GLU B 5 12.80 1.45 27.56
CA GLU B 5 13.10 1.22 26.16
C GLU B 5 13.56 -0.20 25.85
N ILE B 6 13.00 -0.79 24.80
CA ILE B 6 13.45 -2.07 24.28
C ILE B 6 14.36 -1.80 23.10
N LYS B 7 15.56 -2.36 23.10
CA LYS B 7 16.52 -2.00 22.07
C LYS B 7 16.61 -3.08 21.02
N SER B 8 16.34 -4.32 21.43
CA SER B 8 16.56 -5.44 20.56
C SER B 8 15.49 -6.49 20.84
N ILE B 9 14.85 -6.97 19.77
CA ILE B 9 13.67 -7.83 19.86
C ILE B 9 13.92 -9.10 19.04
N LEU B 10 13.79 -10.25 19.69
CA LEU B 10 13.88 -11.52 18.98
C LEU B 10 12.46 -11.95 18.60
N ILE B 11 12.32 -12.33 17.34
CA ILE B 11 11.06 -12.76 16.77
C ILE B 11 10.97 -14.29 16.81
N ALA B 12 10.22 -14.81 17.78
CA ALA B 12 10.14 -16.24 18.03
C ALA B 12 9.09 -16.83 17.12
N ASN B 13 9.32 -16.73 15.82
CA ASN B 13 8.31 -17.18 14.87
C ASN B 13 8.95 -17.26 13.51
N ARG B 14 8.13 -17.52 12.49
CA ARG B 14 8.62 -17.80 11.16
C ARG B 14 7.58 -17.33 10.16
N GLY B 15 7.91 -17.42 8.87
CA GLY B 15 6.94 -17.18 7.82
C GLY B 15 6.53 -15.72 7.71
N GLU B 16 5.30 -15.48 7.30
CA GLU B 16 4.90 -14.14 6.96
C GLU B 16 4.90 -13.21 8.19
N ILE B 17 4.53 -13.73 9.35
CA ILE B 17 4.50 -12.91 10.57
C ILE B 17 5.91 -12.46 11.01
N ALA B 18 6.92 -13.30 10.75
CA ALA B 18 8.30 -12.90 11.04
C ALA B 18 8.72 -11.67 10.22
N LEU B 19 8.42 -11.70 8.94
CA LEU B 19 8.77 -10.60 8.06
C LEU B 19 7.93 -9.34 8.44
N ARG B 20 6.63 -9.53 8.62
CA ARG B 20 5.74 -8.48 9.09
C ARG B 20 6.29 -7.77 10.35
N ALA B 21 6.64 -8.55 11.36
CA ALA B 21 7.22 -8.02 12.58
C ALA B 21 8.55 -7.34 12.33
N LEU B 22 9.39 -7.99 11.55
CA LEU B 22 10.70 -7.44 11.25
C LEU B 22 10.59 -6.01 10.71
N ARG B 23 9.72 -5.82 9.72
CA ARG B 23 9.54 -4.51 9.12
C ARG B 23 9.24 -3.43 10.15
N THR B 24 8.29 -3.68 11.05
CA THR B 24 7.93 -2.67 12.08
C THR B 24 9.10 -2.38 13.06
N ILE B 25 9.75 -3.46 13.49
CA ILE B 25 10.86 -3.40 14.41
C ILE B 25 11.98 -2.51 13.88
N LYS B 26 12.33 -2.70 12.61
CA LYS B 26 13.41 -1.95 12.01
C LYS B 26 13.01 -0.50 11.74
N GLU B 27 11.76 -0.23 11.34
CA GLU B 27 11.30 1.15 11.21
C GLU B 27 11.37 1.92 12.52
N GLY B 29 13.67 1.65 14.63
CA GLY B 29 15.07 1.76 15.00
C GLY B 29 15.56 0.72 16.00
N LYS B 30 14.78 -0.33 16.22
CA LYS B 30 15.21 -1.37 17.14
C LYS B 30 15.88 -2.46 16.33
N LYS B 31 16.67 -3.32 16.98
CA LYS B 31 17.28 -4.44 16.26
C LYS B 31 16.29 -5.60 16.19
N ALA B 32 16.27 -6.25 15.03
CA ALA B 32 15.38 -7.38 14.80
C ALA B 32 16.23 -8.64 14.67
N ILE B 33 16.05 -9.57 15.61
CA ILE B 33 16.74 -10.85 15.61
C ILE B 33 15.80 -11.95 15.14
N CYS B 34 16.23 -12.71 14.14
CA CYS B 34 15.39 -13.80 13.63
C CYS B 34 15.91 -15.17 14.01
N VAL B 35 15.02 -16.14 14.09
CA VAL B 35 15.45 -17.50 14.34
C VAL B 35 14.93 -18.35 13.20
N TYR B 36 15.63 -19.44 12.91
CA TYR B 36 15.18 -20.37 11.89
C TYR B 36 15.60 -21.79 12.19
N SER B 37 14.76 -22.72 11.75
CA SER B 37 15.13 -24.13 11.76
C SER B 37 15.95 -24.37 10.49
N GLU B 38 16.59 -25.54 10.38
CA GLU B 38 17.39 -25.85 9.21
C GLU B 38 16.56 -25.90 7.91
N ALA B 39 15.25 -26.06 8.06
CA ALA B 39 14.32 -26.13 6.94
C ALA B 39 14.02 -24.76 6.35
N ASP B 40 14.17 -23.73 7.20
CA ASP B 40 13.77 -22.38 6.84
C ASP B 40 14.98 -21.53 6.50
N LYS B 41 16.10 -22.15 6.16
CA LYS B 41 17.31 -21.36 5.95
C LYS B 41 17.21 -20.49 4.70
N ASP B 42 16.26 -20.78 3.83
CA ASP B 42 16.00 -19.94 2.66
C ASP B 42 14.97 -18.82 2.92
N ALA B 43 14.53 -18.68 4.15
CA ALA B 43 13.48 -17.70 4.47
C ALA B 43 13.95 -16.29 4.09
N LEU B 44 13.10 -15.54 3.39
CA LEU B 44 13.45 -14.20 2.91
C LEU B 44 13.91 -13.23 4.02
N TYR B 45 13.16 -13.17 5.13
CA TYR B 45 13.45 -12.21 6.20
C TYR B 45 14.83 -12.42 6.85
N LEU B 46 15.41 -13.61 6.70
CA LEU B 46 16.76 -13.86 7.20
C LEU B 46 17.76 -12.90 6.51
N LYS B 47 17.49 -12.55 5.25
CA LYS B 47 18.31 -11.55 4.59
C LYS B 47 18.18 -10.13 5.19
N TYR B 48 17.08 -9.85 5.89
CA TYR B 48 16.78 -8.49 6.35
C TYR B 48 17.09 -8.28 7.83
N ALA B 49 17.30 -9.36 8.57
CA ALA B 49 17.38 -9.24 10.01
C ALA B 49 18.76 -8.77 10.39
N ASP B 50 18.87 -8.12 11.57
CA ASP B 50 20.15 -7.71 12.12
C ASP B 50 20.99 -8.89 12.56
N ALA B 51 20.34 -9.97 12.95
CA ALA B 51 21.05 -11.21 13.16
C ALA B 51 20.05 -12.35 13.05
N SER B 52 20.55 -13.53 12.64
CA SER B 52 19.74 -14.72 12.46
C SER B 52 20.35 -15.90 13.17
N ILE B 53 19.55 -16.59 13.97
CA ILE B 53 20.08 -17.67 14.76
C ILE B 53 19.40 -18.98 14.44
N CYS B 54 20.19 -19.96 14.04
CA CYS B 54 19.64 -21.29 13.77
C CYS B 54 19.30 -21.96 15.11
N ILE B 55 18.06 -22.41 15.26
CA ILE B 55 17.63 -22.87 16.58
C ILE B 55 17.34 -24.35 16.61
N GLY B 56 17.59 -25.04 15.50
CA GLY B 56 17.44 -26.48 15.53
C GLY B 56 17.08 -27.17 14.25
N LYS B 57 16.76 -28.46 14.41
CA LYS B 57 16.39 -29.36 13.32
C LYS B 57 15.11 -28.92 12.68
N ALA B 58 14.95 -29.35 11.44
CA ALA B 58 13.87 -28.90 10.58
C ALA B 58 12.52 -29.51 10.94
N ARG B 59 12.45 -30.19 12.08
CA ARG B 59 11.15 -30.57 12.61
C ARG B 59 10.52 -29.24 12.97
N SER B 60 10.43 -28.37 11.96
CA SER B 60 10.04 -26.97 12.10
C SER B 60 9.10 -26.72 13.27
N SER B 61 7.99 -27.44 13.30
CA SER B 61 7.07 -27.28 14.42
C SER B 61 7.89 -27.37 15.69
N GLU B 62 8.77 -28.36 15.76
CA GLU B 62 9.48 -28.64 16.99
C GLU B 62 10.44 -27.55 17.45
N SER B 63 11.52 -27.33 16.69
N SER B 63 11.52 -27.30 16.72
CA SER B 63 12.56 -26.32 16.98
CA SER B 63 12.53 -26.35 17.22
C SER B 63 12.02 -24.96 17.42
C SER B 63 12.09 -24.88 17.37
N TYR B 64 11.00 -24.48 16.71
CA TYR B 64 10.34 -23.23 17.08
C TYR B 64 9.55 -23.36 18.41
N LEU B 65 9.35 -24.58 18.89
CA LEU B 65 8.66 -24.80 20.16
C LEU B 65 9.68 -25.15 21.25
N ASN B 66 10.94 -25.21 20.87
CA ASN B 66 12.01 -25.59 21.77
C ASN B 66 12.40 -24.40 22.62
N ILE B 67 11.79 -24.32 23.81
CA ILE B 67 11.96 -23.15 24.67
C ILE B 67 13.40 -22.83 25.00
N PRO B 68 14.17 -23.84 25.46
CA PRO B 68 15.59 -23.56 25.74
C PRO B 68 16.34 -22.99 24.53
N ALA B 69 16.06 -23.50 23.33
CA ALA B 69 16.75 -22.99 22.15
C ALA B 69 16.38 -21.53 21.86
N ILE B 70 15.11 -21.18 22.04
CA ILE B 70 14.66 -19.82 21.78
C ILE B 70 15.30 -18.91 22.83
N ILE B 71 15.23 -19.30 24.11
CA ILE B 71 15.89 -18.54 25.18
C ILE B 71 17.40 -18.33 24.96
N ALA B 72 18.11 -19.41 24.66
CA ALA B 72 19.55 -19.31 24.41
C ALA B 72 19.85 -18.40 23.20
N ALA B 73 18.93 -18.35 22.23
CA ALA B 73 19.09 -17.45 21.08
C ALA B 73 18.94 -15.98 21.50
N ALA B 74 17.91 -15.70 22.30
CA ALA B 74 17.70 -14.36 22.83
C ALA B 74 18.93 -13.85 23.57
N GLU B 75 19.56 -14.74 24.34
CA GLU B 75 20.70 -14.35 25.15
C GLU B 75 22.01 -14.19 24.37
N ILE B 76 22.31 -15.13 23.49
CA ILE B 76 23.50 -14.98 22.67
C ILE B 76 23.37 -13.74 21.79
N ALA B 77 22.16 -13.47 21.31
CA ALA B 77 21.92 -12.33 20.45
C ALA B 77 21.66 -11.07 21.25
N GLU B 78 21.57 -11.21 22.57
CA GLU B 78 21.33 -10.06 23.45
C GLU B 78 20.03 -9.31 23.15
N ALA B 79 18.95 -10.05 22.95
CA ALA B 79 17.63 -9.47 22.79
C ALA B 79 17.12 -9.16 24.17
N ASP B 80 16.50 -8.01 24.36
CA ASP B 80 15.91 -7.81 25.68
C ASP B 80 14.40 -8.04 25.68
N ALA B 81 13.88 -8.46 24.54
CA ALA B 81 12.44 -8.72 24.38
C ALA B 81 12.20 -9.78 23.33
N ILE B 82 11.15 -10.55 23.54
CA ILE B 82 10.68 -11.46 22.53
C ILE B 82 9.29 -11.13 22.00
N PHE B 83 9.16 -11.07 20.68
CA PHE B 83 7.86 -10.96 20.01
C PHE B 83 7.46 -12.37 19.55
N PRO B 84 6.34 -12.89 20.08
CA PRO B 84 5.92 -14.26 19.77
C PRO B 84 5.07 -14.40 18.51
N GLY B 85 4.43 -13.33 18.05
CA GLY B 85 3.50 -13.47 16.92
C GLY B 85 2.29 -14.37 17.25
N TYR B 86 1.89 -15.24 16.32
CA TYR B 86 0.79 -16.18 16.59
C TYR B 86 1.20 -17.60 16.34
N GLY B 87 0.51 -18.53 16.98
CA GLY B 87 0.90 -19.93 16.92
C GLY B 87 2.15 -20.11 17.76
N PHE B 88 2.82 -21.25 17.59
CA PHE B 88 4.01 -21.55 18.36
C PHE B 88 3.90 -21.21 19.85
N LEU B 89 4.77 -20.35 20.36
CA LEU B 89 4.86 -20.17 21.81
C LEU B 89 4.06 -18.99 22.36
N SER B 90 3.21 -18.39 21.54
CA SER B 90 2.58 -17.12 21.86
C SER B 90 1.56 -17.23 23.00
N GLU B 91 1.03 -18.42 23.20
CA GLU B 91 0.06 -18.61 24.27
C GLU B 91 0.54 -19.66 25.28
N ASN B 92 1.85 -19.89 25.30
CA ASN B 92 2.44 -20.86 26.20
C ASN B 92 2.82 -20.18 27.52
N GLN B 93 2.07 -20.48 28.58
CA GLN B 93 2.18 -19.76 29.83
C GLN B 93 3.57 -19.97 30.42
N ASN B 94 4.10 -21.17 30.21
CA ASN B 94 5.39 -21.56 30.73
C ASN B 94 6.51 -20.73 30.11
N PHE B 95 6.38 -20.47 28.82
CA PHE B 95 7.33 -19.62 28.12
C PHE B 95 7.32 -18.18 28.66
N VAL B 96 6.13 -17.65 28.88
CA VAL B 96 5.99 -16.28 29.38
C VAL B 96 6.69 -16.09 30.72
N GLU B 97 6.61 -17.12 31.57
CA GLU B 97 7.22 -17.11 32.89
C GLU B 97 8.73 -17.22 32.79
N ILE B 98 9.18 -18.14 31.94
CA ILE B 98 10.60 -18.34 31.69
C ILE B 98 11.29 -17.09 31.15
N CYS B 99 10.68 -16.44 30.15
CA CYS B 99 11.15 -15.15 29.66
C CYS B 99 11.41 -14.20 30.79
N ALA B 100 10.45 -14.11 31.71
CA ALA B 100 10.55 -13.18 32.84
C ALA B 100 11.72 -13.53 33.75
N LYS B 101 11.99 -14.83 33.93
CA LYS B 101 13.12 -15.27 34.76
C LYS B 101 14.48 -14.92 34.15
N HIS B 102 14.54 -14.79 32.83
CA HIS B 102 15.78 -14.34 32.20
C HIS B 102 15.81 -12.84 31.93
N ASN B 103 14.90 -12.12 32.56
CA ASN B 103 14.76 -10.68 32.35
C ASN B 103 14.66 -10.32 30.87
N ILE B 104 13.87 -11.12 30.16
CA ILE B 104 13.49 -10.84 28.78
C ILE B 104 12.01 -10.49 28.75
N LYS B 105 11.69 -9.41 28.06
CA LYS B 105 10.34 -8.89 28.06
C LYS B 105 9.49 -9.59 27.01
N PHE B 106 8.50 -10.35 27.46
CA PHE B 106 7.55 -10.98 26.56
C PHE B 106 6.56 -9.93 26.07
N ILE B 107 6.47 -9.77 24.76
CA ILE B 107 5.53 -8.79 24.24
C ILE B 107 4.18 -9.46 24.03
N GLY B 108 3.25 -9.16 24.92
CA GLY B 108 2.04 -9.93 25.08
C GLY B 108 1.54 -9.70 26.49
N PRO B 109 0.48 -10.40 26.88
CA PRO B 109 -0.10 -10.08 28.20
C PRO B 109 0.54 -10.88 29.36
N SER B 110 0.17 -10.54 30.59
CA SER B 110 0.63 -11.24 31.78
C SER B 110 0.10 -12.67 31.77
N VAL B 111 0.78 -13.57 32.48
CA VAL B 111 0.27 -14.94 32.60
C VAL B 111 -1.09 -14.98 33.30
N GLU B 112 -1.33 -14.05 34.20
CA GLU B 112 -2.60 -14.04 34.94
C GLU B 112 -3.77 -13.95 33.97
N ALA B 113 -3.72 -12.96 33.09
CA ALA B 113 -4.74 -12.79 32.06
C ALA B 113 -4.78 -13.98 31.09
N ASN B 115 -4.00 -16.94 31.69
CA ASN B 115 -4.53 -18.09 32.41
C ASN B 115 -6.04 -18.01 32.59
N LEU B 116 -6.55 -16.82 32.87
CA LEU B 116 -7.99 -16.62 32.97
C LEU B 116 -8.78 -17.09 31.73
N SER B 118 -7.48 -19.16 29.12
CA SER B 118 -6.86 -20.28 28.42
C SER B 118 -7.78 -21.51 28.33
N ASP B 119 -8.67 -21.66 29.30
CA ASP B 119 -9.62 -22.75 29.25
C ASP B 119 -10.95 -22.11 28.89
N LYS B 120 -11.53 -22.58 27.79
CA LYS B 120 -12.64 -21.88 27.18
C LYS B 120 -13.94 -21.96 27.98
N SER B 121 -14.13 -23.03 28.75
CA SER B 121 -15.34 -23.07 29.58
C SER B 121 -15.23 -22.09 30.74
N LYS B 122 -14.06 -21.99 31.36
CA LYS B 122 -13.81 -21.02 32.43
C LYS B 122 -13.86 -19.61 31.91
N ALA B 123 -13.29 -19.40 30.72
CA ALA B 123 -13.27 -18.08 30.11
C ALA B 123 -14.70 -17.57 30.04
N LYS B 124 -15.62 -18.43 29.62
CA LYS B 124 -17.03 -18.04 29.55
C LYS B 124 -17.54 -17.58 30.93
N GLN B 125 -17.17 -18.27 32.00
CA GLN B 125 -17.63 -17.87 33.35
C GLN B 125 -17.04 -16.54 33.77
N VAL B 126 -15.75 -16.35 33.52
CA VAL B 126 -15.13 -15.04 33.75
C VAL B 126 -15.86 -13.93 33.00
N GLN B 128 -19.17 -13.97 32.10
CA GLN B 128 -20.48 -13.75 32.74
C GLN B 128 -20.34 -12.82 33.92
N ARG B 129 -19.32 -13.08 34.74
CA ARG B 129 -19.04 -12.22 35.88
C ARG B 129 -18.80 -10.76 35.48
N ALA B 130 -18.22 -10.53 34.30
CA ALA B 130 -17.96 -9.18 33.85
C ALA B 130 -19.21 -8.56 33.23
N GLY B 131 -20.25 -9.36 33.07
CA GLY B 131 -21.48 -8.89 32.45
C GLY B 131 -21.44 -8.94 30.93
N VAL B 132 -20.70 -9.91 30.39
CA VAL B 132 -20.62 -10.12 28.95
C VAL B 132 -21.57 -11.26 28.59
N PRO B 133 -22.45 -11.05 27.60
CA PRO B 133 -23.35 -12.12 27.13
C PRO B 133 -22.57 -13.31 26.53
N VAL B 134 -22.98 -14.53 26.86
CA VAL B 134 -22.33 -15.73 26.37
C VAL B 134 -23.41 -16.66 25.84
N ILE B 135 -23.05 -17.64 25.03
CA ILE B 135 -24.08 -18.53 24.54
C ILE B 135 -24.55 -19.38 25.70
N PRO B 136 -25.86 -19.66 25.77
CA PRO B 136 -26.34 -20.63 26.77
C PRO B 136 -25.71 -22.02 26.57
N GLY B 137 -25.35 -22.66 27.67
CA GLY B 137 -24.75 -23.98 27.63
C GLY B 137 -24.38 -24.43 29.03
N SER B 138 -23.42 -25.35 29.13
CA SER B 138 -22.93 -25.81 30.42
C SER B 138 -22.34 -24.66 31.22
N ASP B 139 -22.45 -24.73 32.54
CA ASP B 139 -21.82 -23.75 33.40
C ASP B 139 -20.48 -24.30 33.83
N GLY B 140 -19.45 -24.04 33.03
CA GLY B 140 -18.18 -24.67 33.27
C GLY B 140 -18.21 -26.00 32.57
N ALA B 141 -17.21 -26.84 32.81
CA ALA B 141 -17.05 -28.06 32.03
C ALA B 141 -18.12 -29.08 32.38
N LEU B 142 -18.35 -29.98 31.42
CA LEU B 142 -19.28 -31.09 31.57
C LEU B 142 -18.65 -32.18 32.44
N ALA B 143 -19.43 -32.79 33.32
CA ALA B 143 -18.89 -33.82 34.20
C ALA B 143 -18.61 -35.08 33.39
N GLY B 144 -19.35 -35.23 32.30
CA GLY B 144 -19.23 -36.40 31.45
C GLY B 144 -20.45 -36.55 30.54
N ALA B 145 -20.45 -37.65 29.78
CA ALA B 145 -21.40 -37.88 28.72
C ALA B 145 -22.85 -37.89 29.21
N GLU B 146 -23.06 -38.18 30.48
CA GLU B 146 -24.40 -38.22 31.07
C GLU B 146 -24.89 -36.86 31.55
N ALA B 147 -23.98 -36.03 32.05
CA ALA B 147 -24.32 -34.62 32.26
C ALA B 147 -24.67 -33.97 30.91
N ALA B 148 -23.97 -34.36 29.85
CA ALA B 148 -24.23 -33.78 28.52
C ALA B 148 -25.64 -34.10 28.02
N LYS B 149 -26.08 -35.33 28.23
CA LYS B 149 -27.41 -35.77 27.81
C LYS B 149 -28.50 -34.98 28.54
N LYS B 150 -28.39 -34.92 29.86
CA LYS B 150 -29.26 -34.08 30.68
C LYS B 150 -29.27 -32.63 30.16
N LEU B 151 -28.10 -32.02 30.05
CA LEU B 151 -28.02 -30.62 29.62
C LEU B 151 -28.62 -30.32 28.24
N ALA B 152 -28.33 -31.19 27.27
CA ALA B 152 -28.78 -31.01 25.89
C ALA B 152 -30.30 -30.98 25.79
N LYS B 153 -30.95 -31.74 26.67
CA LYS B 153 -32.41 -31.78 26.69
C LYS B 153 -33.00 -30.47 27.19
N GLU B 154 -32.37 -29.89 28.21
CA GLU B 154 -32.79 -28.59 28.73
C GLU B 154 -32.57 -27.46 27.73
N ILE B 155 -31.39 -27.42 27.13
CA ILE B 155 -31.03 -26.36 26.20
C ILE B 155 -31.84 -26.43 24.91
N GLY B 156 -32.04 -27.65 24.42
CA GLY B 156 -32.65 -27.87 23.14
C GLY B 156 -31.59 -28.11 22.05
N TYR B 157 -31.80 -29.15 21.25
CA TYR B 157 -30.96 -29.43 20.11
C TYR B 157 -31.32 -28.49 18.97
N PRO B 158 -30.35 -28.16 18.10
CA PRO B 158 -29.01 -28.73 18.16
C PRO B 158 -28.08 -28.08 19.19
N VAL B 159 -27.09 -28.87 19.64
CA VAL B 159 -26.02 -28.38 20.50
C VAL B 159 -24.67 -28.67 19.87
N ILE B 160 -23.65 -27.99 20.35
CA ILE B 160 -22.31 -28.24 19.90
C ILE B 160 -21.45 -28.51 21.12
N LEU B 161 -20.72 -29.62 21.06
CA LEU B 161 -19.70 -30.01 22.04
C LEU B 161 -18.38 -29.41 21.65
N LYS B 162 -17.67 -28.86 22.62
CA LYS B 162 -16.44 -28.14 22.34
C LYS B 162 -15.38 -28.49 23.37
N ALA B 163 -14.15 -28.64 22.90
CA ALA B 163 -13.04 -28.88 23.80
C ALA B 163 -12.64 -27.58 24.49
N ALA B 164 -12.54 -27.67 25.82
CA ALA B 164 -12.10 -26.56 26.63
C ALA B 164 -10.68 -26.13 26.23
N ALA B 165 -9.85 -27.11 25.87
CA ALA B 165 -8.45 -26.85 25.53
C ALA B 165 -8.27 -26.75 24.02
N GLY B 166 -9.40 -26.75 23.30
CA GLY B 166 -9.41 -26.74 21.85
C GLY B 166 -8.95 -25.51 21.07
N GLY B 167 -8.54 -25.75 19.84
CA GLY B 167 -8.07 -24.69 18.95
C GLY B 167 -8.10 -25.22 17.52
N GLY B 168 -8.01 -24.31 16.56
CA GLY B 168 -8.04 -24.66 15.15
C GLY B 168 -9.23 -25.49 14.69
N GLY B 169 -10.35 -25.36 15.39
CA GLY B 169 -11.59 -26.02 15.01
C GLY B 169 -11.62 -27.51 15.32
N ARG B 170 -10.60 -27.98 16.04
CA ARG B 170 -10.49 -29.39 16.38
C ARG B 170 -11.15 -29.66 17.72
N GLY B 171 -11.78 -30.84 17.85
CA GLY B 171 -12.41 -31.22 19.08
C GLY B 171 -13.85 -30.72 19.25
N ARG B 173 -17.98 -31.05 17.89
CA ARG B 173 -19.00 -31.84 17.21
C ARG B 173 -20.35 -31.16 17.38
N VAL B 174 -21.03 -30.91 16.26
CA VAL B 174 -22.41 -30.44 16.27
C VAL B 174 -23.34 -31.65 16.39
N VAL B 175 -24.29 -31.61 17.31
CA VAL B 175 -25.16 -32.74 17.58
C VAL B 175 -26.64 -32.38 17.41
N GLU B 176 -27.33 -33.08 16.51
CA GLU B 176 -28.70 -32.74 16.13
C GLU B 176 -29.75 -33.51 16.93
N ASN B 177 -29.47 -34.79 17.22
N ASN B 177 -29.43 -34.76 17.27
CA ASN B 177 -30.40 -35.61 17.99
CA ASN B 177 -30.35 -35.67 17.95
C ASN B 177 -29.71 -36.28 19.17
C ASN B 177 -29.69 -36.29 19.17
N GLU B 178 -30.48 -36.60 20.20
CA GLU B 178 -29.95 -37.24 21.39
C GLU B 178 -29.27 -38.56 21.04
N LYS B 179 -29.77 -39.23 19.99
CA LYS B 179 -29.25 -40.52 19.56
C LYS B 179 -27.83 -40.46 19.03
N ASP B 180 -27.33 -39.27 18.78
CA ASP B 180 -25.98 -39.09 18.25
C ASP B 180 -25.01 -38.62 19.34
N LEU B 181 -25.55 -38.21 20.48
CA LEU B 181 -24.78 -37.45 21.47
C LEU B 181 -23.58 -38.21 22.06
N GLU B 182 -23.85 -39.40 22.61
CA GLU B 182 -22.77 -40.14 23.25
C GLU B 182 -21.61 -40.40 22.29
N LYS B 183 -21.93 -40.82 21.07
CA LYS B 183 -20.87 -41.04 20.09
C LYS B 183 -20.08 -39.74 19.87
N ALA B 184 -20.78 -38.63 19.68
CA ALA B 184 -20.13 -37.34 19.44
C ALA B 184 -19.26 -36.91 20.63
N TYR B 185 -19.79 -37.05 21.83
CA TYR B 185 -19.04 -36.73 23.02
C TYR B 185 -17.69 -37.42 23.03
N TRP B 186 -17.68 -38.75 22.94
CA TRP B 186 -16.42 -39.52 23.00
C TRP B 186 -15.52 -39.30 21.78
N SER B 187 -16.10 -38.98 20.64
CA SER B 187 -15.28 -38.67 19.50
C SER B 187 -14.56 -37.33 19.71
N ALA B 188 -15.23 -36.37 20.34
CA ALA B 188 -14.58 -35.09 20.54
C ALA B 188 -13.63 -35.21 21.71
N GLU B 189 -13.95 -36.08 22.66
CA GLU B 189 -13.09 -36.26 23.81
C GLU B 189 -11.75 -36.85 23.36
N SER B 190 -11.81 -37.93 22.59
CA SER B 190 -10.61 -38.61 22.10
C SER B 190 -9.71 -37.68 21.32
N GLU B 191 -10.31 -36.96 20.40
CA GLU B 191 -9.57 -36.03 19.55
C GLU B 191 -8.88 -34.99 20.41
N ALA B 192 -9.55 -34.57 21.49
CA ALA B 192 -9.03 -33.48 22.32
C ALA B 192 -7.93 -34.01 23.22
N THR B 194 -5.88 -36.52 22.58
CA THR B 194 -4.65 -36.74 21.85
C THR B 194 -4.07 -35.42 21.35
N ALA B 195 -4.93 -34.51 20.91
CA ALA B 195 -4.48 -33.26 20.30
C ALA B 195 -3.90 -32.22 21.27
N PHE B 196 -4.41 -32.18 22.50
CA PHE B 196 -4.02 -31.13 23.44
C PHE B 196 -3.73 -31.66 24.83
N GLY B 197 -3.89 -32.96 25.03
CA GLY B 197 -3.58 -33.55 26.32
C GLY B 197 -4.63 -33.27 27.37
N ASP B 198 -5.75 -32.70 26.94
CA ASP B 198 -6.85 -32.37 27.84
C ASP B 198 -8.19 -32.61 27.14
N GLY B 199 -9.01 -33.51 27.67
CA GLY B 199 -10.23 -33.89 27.00
C GLY B 199 -11.49 -33.33 27.63
N THR B 200 -11.33 -32.37 28.54
CA THR B 200 -12.43 -31.61 29.13
C THR B 200 -13.32 -31.02 28.03
N TYR B 202 -17.04 -28.83 27.06
CA TYR B 202 -18.23 -28.09 27.45
C TYR B 202 -19.24 -28.12 26.30
N GLU B 204 -22.53 -25.91 24.21
CA GLU B 204 -23.38 -24.75 24.03
C GLU B 204 -24.43 -24.99 22.96
N LYS B 205 -25.48 -24.17 23.01
CA LYS B 205 -26.50 -24.11 21.98
C LYS B 205 -25.82 -23.88 20.63
N TYR B 206 -26.23 -24.63 19.62
CA TYR B 206 -25.69 -24.42 18.28
C TYR B 206 -26.50 -23.36 17.53
N ILE B 207 -25.91 -22.18 17.32
CA ILE B 207 -26.57 -21.11 16.57
C ILE B 207 -26.58 -21.44 15.07
N GLN B 208 -27.76 -21.36 14.45
CA GLN B 208 -27.87 -21.69 13.03
C GLN B 208 -27.37 -20.49 12.23
N ASN B 209 -26.50 -20.74 11.26
CA ASN B 209 -25.99 -19.69 10.37
C ASN B 209 -25.63 -18.37 11.06
N PRO B 210 -24.68 -18.44 12.00
CA PRO B 210 -24.23 -17.23 12.68
C PRO B 210 -23.23 -16.49 11.79
N ARG B 211 -23.12 -15.20 12.05
CA ARG B 211 -21.98 -14.45 11.58
C ARG B 211 -20.89 -14.46 12.68
N HIS B 212 -19.64 -14.60 12.26
CA HIS B 212 -18.50 -14.55 13.17
C HIS B 212 -17.91 -13.15 13.14
N ILE B 213 -17.96 -12.43 14.26
CA ILE B 213 -17.51 -11.04 14.30
C ILE B 213 -16.59 -10.82 15.48
N GLU B 214 -15.40 -10.26 15.21
CA GLU B 214 -14.44 -10.12 16.29
C GLU B 214 -14.00 -8.67 16.52
N VAL B 215 -13.68 -8.36 17.77
CA VAL B 215 -13.23 -7.02 18.11
C VAL B 215 -11.77 -7.03 18.51
N GLN B 216 -10.96 -6.22 17.83
CA GLN B 216 -9.54 -6.04 18.14
C GLN B 216 -9.40 -5.01 19.24
N VAL B 217 -8.73 -5.38 20.33
CA VAL B 217 -8.38 -4.44 21.38
C VAL B 217 -6.88 -4.39 21.60
N ILE B 218 -6.41 -3.29 22.18
CA ILE B 218 -5.08 -3.24 22.76
C ILE B 218 -5.19 -2.57 24.14
N GLY B 219 -4.51 -3.14 25.14
CA GLY B 219 -4.51 -2.60 26.48
C GLY B 219 -3.09 -2.25 26.88
N ASP B 220 -2.95 -1.26 27.77
CA ASP B 220 -1.61 -0.86 28.20
C ASP B 220 -1.42 -1.02 29.71
N SER B 221 -0.27 -0.55 30.19
CA SER B 221 0.12 -0.77 31.58
C SER B 221 -0.55 0.19 32.55
N PHE B 222 -1.31 1.15 32.01
CA PHE B 222 -2.06 2.11 32.81
C PHE B 222 -3.55 1.77 32.94
N GLY B 223 -3.95 0.66 32.36
CA GLY B 223 -5.34 0.25 32.45
C GLY B 223 -6.22 0.79 31.34
N ASN B 224 -5.65 1.54 30.42
CA ASN B 224 -6.43 1.96 29.25
C ASN B 224 -6.54 0.82 28.22
N VAL B 225 -7.70 0.72 27.57
CA VAL B 225 -7.88 -0.27 26.54
C VAL B 225 -8.62 0.41 25.41
N ILE B 226 -8.09 0.28 24.19
CA ILE B 226 -8.80 0.79 23.02
C ILE B 226 -9.27 -0.34 22.12
N HIS B 227 -10.22 -0.02 21.24
CA HIS B 227 -10.58 -0.97 20.22
C HIS B 227 -10.07 -0.43 18.88
N VAL B 228 -9.75 -1.34 17.96
CA VAL B 228 -9.37 -0.92 16.61
C VAL B 228 -10.40 -1.46 15.59
N GLY B 229 -11.68 -1.34 15.95
CA GLY B 229 -12.77 -1.81 15.13
C GLY B 229 -13.07 -3.29 15.24
N GLU B 230 -14.06 -3.71 14.47
CA GLU B 230 -14.47 -5.11 14.45
C GLU B 230 -14.25 -5.69 13.04
N ARG B 231 -14.00 -6.99 12.99
CA ARG B 231 -13.80 -7.69 11.73
C ARG B 231 -14.88 -8.77 11.56
N ASP B 232 -15.34 -8.93 10.32
CA ASP B 232 -16.24 -10.03 10.03
C ASP B 232 -15.38 -11.14 9.44
N CYS B 233 -15.39 -12.31 10.09
CA CYS B 233 -14.64 -13.47 9.59
C CYS B 233 -15.56 -14.64 9.31
N SER B 234 -16.74 -14.40 8.73
CA SER B 234 -17.73 -15.45 8.56
C SER B 234 -17.43 -16.44 7.44
N GLN B 236 -15.92 -19.08 6.19
CA GLN B 236 -15.09 -20.10 6.81
C GLN B 236 -15.33 -21.45 6.17
N ARG B 237 -14.25 -22.19 5.95
CA ARG B 237 -14.34 -23.53 5.46
C ARG B 237 -13.88 -24.48 6.56
N ARG B 238 -14.75 -25.37 7.01
CA ARG B 238 -14.37 -26.29 8.09
C ARG B 238 -13.86 -25.53 9.31
N HIS B 239 -14.46 -24.37 9.57
CA HIS B 239 -14.14 -23.55 10.72
C HIS B 239 -12.81 -22.80 10.58
N GLN B 240 -12.21 -22.88 9.40
CA GLN B 240 -10.99 -22.13 9.10
C GLN B 240 -11.30 -20.84 8.34
N LYS B 241 -10.71 -19.74 8.77
CA LYS B 241 -10.95 -18.44 8.14
C LYS B 241 -10.26 -18.32 6.80
N LEU B 242 -11.00 -17.91 5.76
CA LEU B 242 -10.46 -17.74 4.41
C LEU B 242 -10.37 -16.27 4.00
N ILE B 243 -11.36 -15.47 4.43
CA ILE B 243 -11.53 -14.10 3.97
C ILE B 243 -12.00 -13.29 5.17
N GLU B 244 -11.39 -12.14 5.41
CA GLU B 244 -11.85 -11.29 6.52
C GLU B 244 -12.03 -9.85 6.07
N GLU B 245 -12.89 -9.11 6.76
N GLU B 245 -12.91 -9.13 6.76
CA GLU B 245 -13.09 -7.73 6.39
CA GLU B 245 -13.31 -7.79 6.36
C GLU B 245 -13.48 -6.87 7.57
C GLU B 245 -13.48 -6.88 7.58
N SER B 246 -13.20 -5.59 7.42
CA SER B 246 -13.57 -4.60 8.43
C SER B 246 -14.05 -3.40 7.68
N PRO B 247 -15.13 -2.75 8.18
CA PRO B 247 -15.96 -3.17 9.32
C PRO B 247 -16.88 -4.32 8.93
N ALA B 248 -17.67 -4.86 9.87
CA ALA B 248 -18.65 -5.87 9.49
C ALA B 248 -19.96 -5.17 9.21
N ILE B 249 -20.27 -4.92 7.93
CA ILE B 249 -21.41 -4.09 7.54
C ILE B 249 -22.78 -4.62 7.96
N LEU B 250 -22.84 -5.89 8.32
CA LEU B 250 -24.06 -6.47 8.89
C LEU B 250 -24.54 -5.66 10.09
N LEU B 251 -23.60 -5.09 10.83
CA LEU B 251 -23.92 -4.45 12.10
C LEU B 251 -24.36 -3.04 11.85
N ASP B 252 -25.47 -2.65 12.48
CA ASP B 252 -25.88 -1.26 12.51
C ASP B 252 -25.04 -0.53 13.54
N GLU B 253 -25.06 0.80 13.48
CA GLU B 253 -24.21 1.65 14.28
C GLU B 253 -24.35 1.37 15.76
N LYS B 254 -25.59 1.17 16.18
CA LYS B 254 -25.92 1.01 17.58
C LYS B 254 -25.36 -0.32 18.08
N THR B 255 -25.61 -1.38 17.33
CA THR B 255 -25.07 -2.67 17.72
C THR B 255 -23.54 -2.63 17.71
N ARG B 256 -22.95 -1.91 16.75
CA ARG B 256 -21.50 -1.88 16.63
C ARG B 256 -20.88 -1.24 17.88
N THR B 257 -21.46 -0.12 18.30
CA THR B 257 -21.05 0.52 19.55
C THR B 257 -21.20 -0.39 20.79
N ARG B 258 -22.31 -1.11 20.89
CA ARG B 258 -22.51 -2.03 21.99
C ARG B 258 -21.38 -3.04 22.06
N LEU B 259 -21.00 -3.55 20.89
CA LEU B 259 -20.02 -4.59 20.78
C LEU B 259 -18.62 -4.10 21.16
N HIS B 260 -18.25 -2.91 20.69
CA HIS B 260 -16.97 -2.33 21.01
C HIS B 260 -16.88 -2.12 22.52
N GLU B 261 -17.89 -1.47 23.07
CA GLU B 261 -17.99 -1.25 24.51
C GLU B 261 -17.95 -2.54 25.30
N THR B 262 -18.63 -3.57 24.81
CA THR B 262 -18.61 -4.87 25.49
C THR B 262 -17.20 -5.43 25.57
N ALA B 263 -16.43 -5.19 24.51
CA ALA B 263 -15.10 -5.82 24.37
C ALA B 263 -14.09 -5.09 25.23
N ILE B 264 -14.20 -3.76 25.27
N ILE B 264 -14.22 -3.76 25.27
CA ILE B 264 -13.31 -2.97 26.11
CA ILE B 264 -13.37 -2.93 26.09
C ILE B 264 -13.61 -3.24 27.59
C ILE B 264 -13.61 -3.29 27.55
N LYS B 265 -14.88 -3.49 27.90
CA LYS B 265 -15.27 -3.80 29.28
C LYS B 265 -14.67 -5.14 29.70
N ALA B 266 -14.83 -6.16 28.86
CA ALA B 266 -14.20 -7.46 29.11
C ALA B 266 -12.68 -7.35 29.32
N ALA B 267 -12.00 -6.57 28.47
CA ALA B 267 -10.57 -6.38 28.63
C ALA B 267 -10.19 -5.72 29.97
N LYS B 268 -10.83 -4.61 30.30
CA LYS B 268 -10.56 -3.97 31.58
C LYS B 268 -10.84 -4.89 32.77
N ALA B 269 -11.93 -5.66 32.69
CA ALA B 269 -12.29 -6.61 33.78
C ALA B 269 -11.20 -7.65 34.12
N ILE B 270 -10.41 -8.07 33.13
CA ILE B 270 -9.35 -9.05 33.36
C ILE B 270 -7.92 -8.47 33.37
N GLY B 271 -7.79 -7.16 33.30
CA GLY B 271 -6.46 -6.56 33.39
C GLY B 271 -5.64 -6.86 32.14
N TYR B 272 -6.25 -6.72 30.97
CA TYR B 272 -5.58 -7.17 29.79
C TYR B 272 -4.60 -6.14 29.23
N GLU B 273 -3.34 -6.53 29.04
CA GLU B 273 -2.35 -5.65 28.41
C GLU B 273 -1.83 -6.27 27.14
N GLY B 274 -1.69 -5.46 26.11
CA GLY B 274 -1.23 -5.94 24.82
C GLY B 274 -2.37 -6.06 23.83
N ALA B 275 -2.08 -6.72 22.71
CA ALA B 275 -3.07 -6.85 21.65
C ALA B 275 -3.88 -8.12 21.89
N GLY B 276 -5.19 -8.07 21.67
CA GLY B 276 -6.01 -9.25 21.80
C GLY B 276 -7.34 -9.11 21.07
N THR B 277 -8.08 -10.21 20.95
CA THR B 277 -9.27 -10.20 20.14
C THR B 277 -10.37 -10.92 20.87
N PHE B 278 -11.56 -10.33 20.91
CA PHE B 278 -12.74 -11.03 21.45
C PHE B 278 -13.58 -11.46 20.27
N GLU B 279 -13.87 -12.75 20.19
CA GLU B 279 -14.71 -13.25 19.12
C GLU B 279 -16.16 -13.35 19.58
N PHE B 280 -17.08 -12.98 18.72
CA PHE B 280 -18.50 -13.06 19.01
C PHE B 280 -19.20 -13.82 17.92
N LEU B 281 -20.29 -14.49 18.26
CA LEU B 281 -21.23 -14.92 17.24
C LEU B 281 -22.42 -13.97 17.30
N VAL B 282 -22.92 -13.62 16.12
CA VAL B 282 -24.04 -12.70 15.98
C VAL B 282 -25.12 -13.46 15.25
N ASP B 283 -26.33 -13.52 15.81
CA ASP B 283 -27.44 -14.20 15.15
C ASP B 283 -28.32 -13.25 14.31
N LYS B 284 -29.38 -13.80 13.72
CA LYS B 284 -30.27 -13.00 12.85
C LYS B 284 -30.99 -11.85 13.58
N ASN B 285 -31.11 -11.96 14.89
CA ASN B 285 -31.61 -10.88 15.73
C ASN B 285 -30.66 -9.71 15.89
N LEU B 286 -29.44 -9.89 15.42
N LEU B 286 -29.44 -9.90 15.42
CA LEU B 286 -28.32 -9.00 15.73
CA LEU B 286 -28.32 -9.00 15.72
C LEU B 286 -27.91 -9.07 17.20
C LEU B 286 -27.91 -9.08 17.19
N ASP B 287 -28.47 -10.05 17.91
CA ASP B 287 -27.91 -10.43 19.21
C ASP B 287 -26.51 -11.01 19.03
N PHE B 288 -25.58 -10.63 19.91
CA PHE B 288 -24.22 -11.12 19.88
C PHE B 288 -23.82 -11.92 21.14
N TYR B 289 -22.96 -12.91 20.98
CA TYR B 289 -22.50 -13.72 22.12
C TYR B 289 -21.00 -13.92 22.07
N PHE B 290 -20.33 -13.65 23.20
CA PHE B 290 -18.92 -13.97 23.33
C PHE B 290 -18.76 -15.47 23.13
N ILE B 291 -17.79 -15.87 22.29
CA ILE B 291 -17.46 -17.28 22.29
C ILE B 291 -16.06 -17.52 22.81
N GLU B 292 -15.15 -16.57 22.61
CA GLU B 292 -13.79 -16.75 23.09
C GLU B 292 -12.94 -15.52 22.93
N ASN B 294 -8.88 -14.42 22.01
CA ASN B 294 -7.53 -14.81 21.62
C ASN B 294 -6.51 -13.86 22.25
N THR B 295 -5.59 -14.42 23.04
N THR B 295 -5.62 -14.42 23.05
CA THR B 295 -4.66 -13.64 23.85
CA THR B 295 -4.69 -13.64 23.84
C THR B 295 -3.36 -13.37 23.14
C THR B 295 -3.39 -13.50 23.07
N ARG B 296 -3.44 -12.76 21.96
CA ARG B 296 -2.28 -12.62 21.07
C ARG B 296 -2.74 -11.93 19.83
N LEU B 297 -1.77 -11.60 18.98
CA LEU B 297 -2.06 -11.00 17.69
C LEU B 297 -2.61 -12.11 16.83
N GLN B 298 -3.49 -11.76 15.90
CA GLN B 298 -3.96 -12.77 14.94
C GLN B 298 -3.53 -12.45 13.53
N VAL B 299 -3.61 -13.49 12.70
CA VAL B 299 -3.29 -13.42 11.28
C VAL B 299 -3.96 -12.26 10.57
N GLU B 300 -5.23 -12.02 10.87
CA GLU B 300 -6.00 -11.06 10.09
C GLU B 300 -5.95 -9.63 10.66
N HIS B 301 -4.99 -9.34 11.53
CA HIS B 301 -4.91 -8.01 12.12
C HIS B 301 -4.71 -6.92 11.06
N CYS B 302 -4.22 -7.28 9.86
CA CYS B 302 -3.91 -6.24 8.86
C CYS B 302 -5.14 -5.45 8.40
N VAL B 303 -6.25 -6.15 8.25
CA VAL B 303 -7.55 -5.58 7.96
C VAL B 303 -7.89 -4.41 8.91
N SER B 304 -7.65 -4.63 10.20
CA SER B 304 -7.81 -3.59 11.22
C SER B 304 -6.81 -2.43 11.11
N GLU B 305 -5.56 -2.72 10.74
CA GLU B 305 -4.61 -1.66 10.43
C GLU B 305 -5.01 -0.71 9.28
N VAL B 307 -8.05 0.11 8.11
CA VAL B 307 -9.19 0.97 8.38
C VAL B 307 -8.87 2.00 9.48
N SER B 308 -7.89 1.69 10.32
CA SER B 308 -7.60 2.53 11.48
C SER B 308 -6.35 3.39 11.34
N GLY B 309 -5.46 3.06 10.39
CA GLY B 309 -4.17 3.72 10.31
C GLY B 309 -3.23 3.40 11.47
N ILE B 310 -3.55 2.39 12.26
CA ILE B 310 -2.69 2.00 13.39
C ILE B 310 -1.72 0.89 12.99
N ASP B 311 -0.47 0.95 13.46
CA ASP B 311 0.42 -0.19 13.38
C ASP B 311 0.29 -0.95 14.70
N ILE B 312 -0.44 -2.06 14.68
CA ILE B 312 -0.77 -2.74 15.92
C ILE B 312 0.46 -3.33 16.56
N ILE B 313 1.40 -3.82 15.74
CA ILE B 313 2.64 -4.38 16.28
C ILE B 313 3.47 -3.29 16.94
N GLU B 314 3.47 -2.10 16.36
CA GLU B 314 4.14 -0.97 16.99
C GLU B 314 3.50 -0.61 18.35
N GLN B 315 2.18 -0.64 18.43
CA GLN B 315 1.51 -0.38 19.70
C GLN B 315 1.83 -1.48 20.73
N ILE B 317 4.54 -3.16 20.96
CA ILE B 317 5.89 -2.83 21.43
C ILE B 317 5.89 -1.61 22.39
N LYS B 318 5.21 -0.52 22.01
CA LYS B 318 5.12 0.64 22.91
C LYS B 318 4.47 0.36 24.27
N VAL B 319 3.43 -0.48 24.28
CA VAL B 319 2.81 -0.89 25.53
C VAL B 319 3.77 -1.68 26.42
N ALA B 320 4.56 -2.55 25.79
CA ALA B 320 5.55 -3.35 26.48
C ALA B 320 6.69 -2.48 27.04
N GLU B 321 6.93 -1.34 26.40
CA GLU B 321 7.94 -0.40 26.86
C GLU B 321 7.44 0.53 27.96
N GLY B 322 6.18 0.42 28.36
CA GLY B 322 5.65 1.28 29.41
C GLY B 322 4.92 2.52 28.91
N TYR B 323 4.75 2.65 27.60
CA TYR B 323 4.01 3.78 27.03
C TYR B 323 2.49 3.64 27.13
N ALA B 324 1.82 4.79 27.01
CA ALA B 324 0.37 4.86 27.00
C ALA B 324 -0.15 4.72 25.56
N LEU B 325 -1.27 4.04 25.41
CA LEU B 325 -1.94 3.99 24.12
C LEU B 325 -2.47 5.37 23.80
N PRO B 326 -2.71 5.65 22.51
CA PRO B 326 -3.41 6.88 22.15
C PRO B 326 -4.85 6.82 22.64
N SER B 327 -5.51 7.97 22.73
CA SER B 327 -6.90 8.01 23.16
C SER B 327 -7.78 7.35 22.11
N GLN B 328 -8.83 6.67 22.54
CA GLN B 328 -9.84 6.15 21.61
C GLN B 328 -10.36 7.24 20.65
N GLU B 329 -10.49 8.46 21.14
CA GLU B 329 -10.99 9.56 20.33
C GLU B 329 -10.08 9.87 19.13
N SER B 330 -8.80 9.51 19.23
CA SER B 330 -7.88 9.73 18.12
C SER B 330 -7.92 8.63 17.05
N ILE B 331 -8.48 7.47 17.40
CA ILE B 331 -8.63 6.37 16.43
C ILE B 331 -9.82 6.66 15.53
N LYS B 332 -9.56 6.82 14.23
CA LYS B 332 -10.60 7.05 13.28
C LYS B 332 -10.65 5.84 12.36
N LEU B 333 -11.81 5.20 12.32
CA LEU B 333 -12.03 4.09 11.43
C LEU B 333 -12.63 4.60 10.13
N ASN B 334 -12.03 4.24 9.00
CA ASN B 334 -12.51 4.69 7.69
C ASN B 334 -12.41 3.67 6.60
N GLY B 335 -13.40 3.71 5.72
CA GLY B 335 -13.37 2.91 4.51
C GLY B 335 -13.57 1.45 4.83
N HIS B 336 -13.19 0.61 3.90
CA HIS B 336 -13.46 -0.81 4.05
C HIS B 336 -12.24 -1.60 3.63
N SER B 337 -11.95 -2.65 4.36
CA SER B 337 -10.78 -3.47 4.07
C SER B 337 -11.14 -4.95 3.95
N ILE B 338 -10.58 -5.61 2.95
CA ILE B 338 -10.77 -7.05 2.78
C ILE B 338 -9.41 -7.74 2.79
N GLU B 339 -9.33 -8.88 3.44
CA GLU B 339 -8.15 -9.72 3.33
C GLU B 339 -8.48 -11.11 2.74
N CYS B 340 -7.64 -11.59 1.83
CA CYS B 340 -7.79 -12.94 1.26
C CYS B 340 -6.52 -13.76 1.56
N ARG B 341 -6.64 -14.87 2.27
CA ARG B 341 -5.46 -15.70 2.56
C ARG B 341 -5.11 -16.53 1.34
N ILE B 342 -3.93 -16.28 0.78
CA ILE B 342 -3.48 -17.07 -0.36
C ILE B 342 -2.67 -18.23 0.13
N THR B 343 -3.17 -19.44 -0.09
CA THR B 343 -2.42 -20.63 0.32
C THR B 343 -2.07 -21.51 -0.87
N ALA B 344 -1.03 -22.32 -0.69
CA ALA B 344 -0.61 -23.26 -1.71
C ALA B 344 -1.48 -24.52 -1.60
N GLU B 345 -2.72 -24.37 -2.04
CA GLU B 345 -3.70 -25.47 -2.03
C GLU B 345 -4.47 -25.39 -3.33
N ASP B 346 -5.06 -26.51 -3.73
CA ASP B 346 -5.91 -26.49 -4.88
C ASP B 346 -7.19 -25.72 -4.55
N SER B 347 -7.61 -24.87 -5.45
N SER B 347 -7.62 -24.87 -5.46
CA SER B 347 -8.74 -23.97 -5.23
CA SER B 347 -8.73 -23.96 -5.23
C SER B 347 -10.08 -24.67 -5.08
C SER B 347 -10.10 -24.64 -5.15
N LYS B 348 -10.17 -25.92 -5.53
CA LYS B 348 -11.41 -26.67 -5.39
C LYS B 348 -11.37 -27.67 -4.25
N THR B 349 -10.28 -28.42 -4.13
CA THR B 349 -10.18 -29.42 -3.08
C THR B 349 -9.60 -28.88 -1.74
N PHE B 350 -8.84 -27.79 -1.84
CA PHE B 350 -8.08 -27.26 -0.71
C PHE B 350 -7.02 -28.23 -0.21
N LEU B 351 -6.59 -29.14 -1.09
CA LEU B 351 -5.50 -30.07 -0.79
C LEU B 351 -4.18 -29.38 -1.07
N PRO B 352 -3.20 -29.58 -0.17
CA PRO B 352 -1.90 -28.91 -0.25
C PRO B 352 -1.18 -29.17 -1.59
N SER B 353 -0.41 -28.19 -2.01
CA SER B 353 0.26 -28.26 -3.28
C SER B 353 1.71 -27.80 -3.09
N PRO B 354 2.56 -28.67 -2.50
CA PRO B 354 3.89 -28.16 -2.22
C PRO B 354 4.75 -28.19 -3.49
N GLY B 355 5.86 -27.47 -3.46
CA GLY B 355 6.75 -27.41 -4.60
C GLY B 355 7.49 -26.07 -4.62
N LYS B 356 8.20 -25.85 -5.71
CA LYS B 356 9.04 -24.67 -5.86
C LYS B 356 8.26 -23.64 -6.66
N ILE B 357 8.29 -22.39 -6.21
CA ILE B 357 7.66 -21.33 -6.97
C ILE B 357 8.60 -20.96 -8.14
N THR B 358 8.11 -21.11 -9.36
CA THR B 358 8.93 -20.84 -10.52
C THR B 358 8.63 -19.48 -11.11
N LYS B 359 7.50 -18.89 -10.72
CA LYS B 359 7.20 -17.51 -11.07
C LYS B 359 6.40 -16.85 -9.96
N TYR B 360 6.82 -15.64 -9.60
CA TYR B 360 6.16 -14.91 -8.52
C TYR B 360 6.05 -13.41 -8.83
N ILE B 361 4.88 -12.98 -9.22
CA ILE B 361 4.68 -11.57 -9.45
C ILE B 361 3.50 -11.18 -8.60
N PRO B 362 3.80 -10.54 -7.47
CA PRO B 362 2.82 -10.12 -6.44
C PRO B 362 2.03 -8.91 -6.91
N PRO B 363 0.78 -8.76 -6.46
CA PRO B 363 0.12 -7.52 -6.89
C PRO B 363 0.70 -6.29 -6.19
N ALA B 364 0.37 -5.12 -6.69
CA ALA B 364 0.80 -3.88 -6.07
C ALA B 364 -0.22 -2.83 -6.44
N GLY B 365 0.08 -1.57 -6.18
CA GLY B 365 -0.86 -0.50 -6.44
C GLY B 365 -1.31 0.25 -5.18
N ARG B 366 -2.09 1.29 -5.40
CA ARG B 366 -2.64 2.09 -4.32
C ARG B 366 -3.46 1.22 -3.34
N ASN B 367 -3.13 1.26 -2.08
CA ASN B 367 -3.93 0.58 -1.07
C ASN B 367 -4.07 -0.94 -1.29
N VAL B 368 -3.08 -1.54 -1.96
CA VAL B 368 -2.90 -2.98 -2.00
C VAL B 368 -1.70 -3.38 -1.14
N ARG B 369 -1.88 -4.36 -0.27
CA ARG B 369 -0.83 -4.79 0.66
C ARG B 369 -0.67 -6.31 0.54
N GLU B 371 1.06 -9.29 1.96
CA GLU B 371 1.91 -9.69 3.07
C GLU B 371 2.38 -11.11 2.83
N SER B 372 3.63 -11.25 2.39
CA SER B 372 4.15 -12.54 2.02
C SER B 372 5.65 -12.59 2.14
N HIS B 373 6.17 -13.75 2.54
CA HIS B 373 7.61 -13.92 2.61
C HIS B 373 8.11 -14.66 1.36
N CYS B 374 7.22 -14.92 0.40
CA CYS B 374 7.60 -15.73 -0.77
C CYS B 374 8.35 -14.96 -1.84
N TYR B 375 9.02 -15.68 -2.73
CA TYR B 375 9.72 -15.06 -3.84
C TYR B 375 9.96 -16.08 -4.96
N GLN B 376 10.36 -15.63 -6.14
CA GLN B 376 10.59 -16.55 -7.24
C GLN B 376 11.76 -17.49 -6.93
N ASP B 377 11.48 -18.80 -6.97
CA ASP B 377 12.42 -19.89 -6.70
C ASP B 377 12.36 -20.41 -5.27
N TYR B 378 11.62 -19.73 -4.41
CA TYR B 378 11.35 -20.23 -3.07
C TYR B 378 10.54 -21.54 -3.14
N SER B 379 10.87 -22.48 -2.28
CA SER B 379 10.15 -23.75 -2.21
C SER B 379 9.20 -23.68 -1.06
N VAL B 380 7.91 -23.87 -1.32
CA VAL B 380 6.93 -23.89 -0.23
C VAL B 380 6.67 -25.32 0.28
N PRO B 381 6.90 -25.55 1.58
CA PRO B 381 6.63 -26.84 2.24
C PRO B 381 5.16 -26.91 2.70
N ALA B 382 4.25 -27.11 1.76
CA ALA B 382 2.82 -26.92 2.01
C ALA B 382 2.22 -27.80 3.12
N TYR B 383 2.83 -28.95 3.36
CA TYR B 383 2.42 -29.86 4.44
C TYR B 383 2.47 -29.20 5.83
N TYR B 384 3.30 -28.18 5.97
N TYR B 384 3.38 -28.24 5.98
CA TYR B 384 3.57 -27.61 7.29
CA TYR B 384 3.67 -27.57 7.24
C TYR B 384 3.03 -26.18 7.47
C TYR B 384 2.85 -26.30 7.39
N ASP B 385 2.96 -25.46 6.38
CA ASP B 385 2.41 -24.13 6.38
C ASP B 385 2.11 -23.99 4.92
N SER B 386 0.84 -24.04 4.55
CA SER B 386 0.53 -23.81 3.16
C SER B 386 0.40 -22.32 2.84
N ILE B 388 0.96 -18.80 1.62
N ILE B 388 0.95 -18.80 1.62
CA ILE B 388 1.83 -18.10 0.70
CA ILE B 388 1.79 -18.12 0.63
C ILE B 388 1.93 -16.64 1.12
C ILE B 388 1.90 -16.63 0.98
N GLY B 389 0.77 -16.03 1.32
CA GLY B 389 0.70 -14.65 1.74
C GLY B 389 -0.73 -14.22 1.97
N LYS B 390 -0.91 -13.08 2.62
CA LYS B 390 -2.25 -12.48 2.76
C LYS B 390 -2.33 -11.31 1.82
N LEU B 391 -3.36 -11.29 1.00
CA LEU B 391 -3.59 -10.18 0.10
C LEU B 391 -4.63 -9.26 0.77
N VAL B 392 -4.22 -8.04 1.08
CA VAL B 392 -5.09 -7.10 1.81
C VAL B 392 -5.34 -5.83 0.98
N VAL B 393 -6.60 -5.42 0.83
CA VAL B 393 -6.91 -4.15 0.14
C VAL B 393 -7.76 -3.21 1.00
N TRP B 394 -7.69 -1.93 0.68
CA TRP B 394 -8.51 -0.94 1.33
C TRP B 394 -9.14 -0.05 0.28
N ALA B 395 -10.44 0.21 0.39
CA ALA B 395 -11.08 1.22 -0.44
C ALA B 395 -12.07 2.08 0.39
N GLU B 396 -12.74 3.02 -0.25
CA GLU B 396 -13.66 3.94 0.43
C GLU B 396 -14.95 3.27 0.90
N ASP B 397 -15.38 2.23 0.20
CA ASP B 397 -16.52 1.42 0.62
C ASP B 397 -16.35 -0.02 0.15
N ARG B 398 -17.31 -0.89 0.47
CA ARG B 398 -17.15 -2.33 0.31
C ARG B 398 -17.11 -2.73 -1.15
N ASN B 399 -17.97 -2.12 -1.94
CA ASN B 399 -17.98 -2.39 -3.37
C ASN B 399 -16.67 -2.07 -4.06
N LYS B 400 -16.07 -0.95 -3.70
CA LYS B 400 -14.77 -0.59 -4.25
C LYS B 400 -13.67 -1.49 -3.70
N ALA B 401 -13.76 -1.91 -2.44
CA ALA B 401 -12.78 -2.88 -1.93
C ALA B 401 -12.85 -4.21 -2.69
N ILE B 402 -14.07 -4.70 -2.96
CA ILE B 402 -14.25 -5.93 -3.72
C ILE B 402 -13.70 -5.79 -5.15
N ALA B 403 -14.02 -4.67 -5.81
CA ALA B 403 -13.47 -4.42 -7.15
C ALA B 403 -11.95 -4.32 -7.10
N LYS B 404 -11.41 -3.67 -6.06
CA LYS B 404 -9.96 -3.54 -5.91
C LYS B 404 -9.32 -4.91 -5.64
N LYS B 406 -10.38 -7.90 -6.58
CA LYS B 406 -10.42 -8.70 -7.82
C LYS B 406 -9.31 -8.34 -8.83
N VAL B 407 -9.07 -7.03 -9.01
CA VAL B 407 -7.92 -6.61 -9.80
C VAL B 407 -6.61 -7.10 -9.23
N ALA B 408 -6.42 -6.95 -7.91
CA ALA B 408 -5.18 -7.45 -7.29
C ALA B 408 -4.97 -8.97 -7.46
N LEU B 409 -6.05 -9.75 -7.31
CA LEU B 409 -5.98 -11.20 -7.36
C LEU B 409 -5.62 -11.62 -8.77
N ASP B 410 -6.22 -10.94 -9.75
CA ASP B 410 -5.89 -11.15 -11.16
C ASP B 410 -4.42 -10.88 -11.45
N GLU B 411 -3.81 -9.97 -10.70
CA GLU B 411 -2.43 -9.58 -10.98
C GLU B 411 -1.40 -10.48 -10.29
N LEU B 412 -1.88 -11.27 -9.33
CA LEU B 412 -1.03 -12.22 -8.66
C LEU B 412 -0.72 -13.36 -9.63
N LEU B 413 0.56 -13.50 -9.96
CA LEU B 413 1.00 -14.48 -10.93
C LEU B 413 1.94 -15.42 -10.20
N ILE B 414 1.51 -16.66 -10.07
CA ILE B 414 2.27 -17.68 -9.37
C ILE B 414 2.28 -18.97 -10.17
N SER B 415 3.46 -19.49 -10.48
CA SER B 415 3.53 -20.76 -11.18
C SER B 415 4.37 -21.73 -10.36
N GLY B 416 4.16 -23.02 -10.64
CA GLY B 416 4.94 -24.07 -10.04
C GLY B 416 4.15 -24.81 -9.00
N ILE B 417 3.17 -24.13 -8.40
N ILE B 417 3.13 -24.13 -8.48
CA ILE B 417 2.29 -24.73 -7.41
CA ILE B 417 2.31 -24.60 -7.37
C ILE B 417 0.88 -24.19 -7.64
C ILE B 417 0.88 -24.11 -7.56
N LYS B 418 -0.11 -24.90 -7.16
CA LYS B 418 -1.49 -24.42 -7.17
C LYS B 418 -1.73 -23.46 -5.99
N THR B 419 -2.67 -22.51 -6.14
CA THR B 419 -3.03 -21.62 -5.05
C THR B 419 -4.55 -21.42 -4.96
N THR B 420 -5.01 -20.79 -3.87
CA THR B 420 -6.43 -20.56 -3.70
C THR B 420 -6.89 -19.29 -4.44
N LYS B 421 -5.99 -18.70 -5.21
CA LYS B 421 -6.31 -17.50 -5.97
C LYS B 421 -7.66 -17.61 -6.68
N ASP B 422 -7.89 -18.70 -7.42
CA ASP B 422 -9.15 -18.88 -8.13
C ASP B 422 -10.38 -19.05 -7.24
N PHE B 423 -10.20 -19.63 -6.06
CA PHE B 423 -11.28 -19.60 -5.07
C PHE B 423 -11.69 -18.16 -4.73
N HIS B 424 -10.72 -17.28 -4.47
CA HIS B 424 -11.02 -15.92 -4.02
C HIS B 424 -11.65 -15.09 -5.12
N LEU B 425 -11.15 -15.27 -6.35
CA LEU B 425 -11.69 -14.60 -7.53
C LEU B 425 -13.13 -14.95 -7.75
N SER B 426 -13.47 -16.23 -7.68
CA SER B 426 -14.85 -16.61 -7.86
C SER B 426 -15.74 -16.14 -6.69
N GLU B 429 -16.84 -12.58 -7.18
CA GLU B 429 -17.85 -12.46 -8.24
C GLU B 429 -19.17 -13.13 -7.83
N ASN B 430 -19.19 -13.64 -6.61
CA ASN B 430 -20.34 -14.39 -6.14
C ASN B 430 -21.38 -13.45 -5.53
N PRO B 431 -22.60 -13.40 -6.13
CA PRO B 431 -23.67 -12.48 -5.69
C PRO B 431 -23.96 -12.63 -4.20
N ASP B 432 -23.94 -13.85 -3.67
CA ASP B 432 -24.09 -14.00 -2.21
C ASP B 432 -23.03 -13.22 -1.42
N PHE B 433 -21.81 -13.19 -1.94
CA PHE B 433 -20.72 -12.52 -1.23
C PHE B 433 -20.91 -11.02 -1.35
N ILE B 434 -21.13 -10.57 -2.59
N ILE B 434 -21.16 -10.58 -2.58
CA ILE B 434 -21.41 -9.17 -2.88
CA ILE B 434 -21.42 -9.17 -2.88
C ILE B 434 -22.58 -8.61 -2.07
C ILE B 434 -22.57 -8.61 -2.05
N ASN B 435 -23.61 -9.43 -1.86
CA ASN B 435 -24.79 -9.02 -1.12
C ASN B 435 -24.73 -9.33 0.37
N ASN B 436 -23.60 -9.87 0.83
CA ASN B 436 -23.40 -10.13 2.25
C ASN B 436 -24.42 -11.12 2.78
N ASN B 437 -24.87 -12.02 1.93
CA ASN B 437 -25.77 -13.09 2.36
C ASN B 437 -25.05 -14.40 2.53
N TYR B 438 -24.36 -14.54 3.65
CA TYR B 438 -23.63 -15.77 3.94
C TYR B 438 -23.36 -15.88 5.43
N ASP B 439 -22.66 -16.92 5.82
CA ASP B 439 -22.49 -17.23 7.22
C ASP B 439 -21.42 -18.29 7.31
N THR B 440 -21.16 -18.76 8.53
CA THR B 440 -20.06 -19.66 8.80
C THR B 440 -20.22 -21.02 8.11
N ASN B 441 -21.44 -21.35 7.68
CA ASN B 441 -21.73 -22.64 7.06
C ASN B 441 -22.04 -22.49 5.59
N TYR B 442 -21.86 -21.28 5.07
CA TYR B 442 -22.15 -21.07 3.67
C TYR B 442 -21.39 -22.02 2.77
N LEU B 443 -20.07 -22.14 2.98
CA LEU B 443 -19.27 -22.98 2.12
C LEU B 443 -19.66 -24.47 2.22
N ALA B 444 -19.95 -24.93 3.44
CA ALA B 444 -20.42 -26.29 3.68
C ALA B 444 -21.63 -26.72 2.85
N ARG B 445 -22.49 -25.77 2.47
CA ARG B 445 -23.66 -26.12 1.69
C ARG B 445 -23.60 -25.61 0.23
N HIS B 446 -22.39 -25.50 -0.31
CA HIS B 446 -22.19 -25.15 -1.72
C HIS B 446 -21.08 -25.96 -2.36
#